data_4FPF
#
_entry.id   4FPF
#
_cell.length_a   76.376
_cell.length_b   82.579
_cell.length_c   116.688
_cell.angle_alpha   90.000
_cell.angle_beta   90.000
_cell.angle_gamma   90.000
#
_symmetry.space_group_name_H-M   'P 21 21 21'
#
loop_
_entity.id
_entity.type
_entity.pdbx_description
1 polymer 'Sialidase B'
2 non-polymer '2-[(3-chlorobenzyl)amino]ethanesulfonic acid'
3 non-polymer 'DIMETHYL SULFOXIDE'
4 water water
#
_entity_poly.entity_id   1
_entity_poly.type   'polypeptide(L)'
_entity_poly.pdbx_seq_one_letter_code
;MNKRGLYSKLGISVVGISLLMGVPTLIHANELNYGQLSISPIFQGGSYQLNNKSIDISSLLLDKLSGESQTVVMKFKADK
PNSLQALFGLSNSKAGFKNNYFSIFMRDSGEIGVEIRDAQKGINYLFSRPASLWGKHKGQAVENTLVFVSDSKDKTYTMY
VNGIEVFSETVDTFLPISNINGIDKATLGAVNREGKEHYLAKGSIDEISLFNKAISDQEVSTIPLSNPFQLIFQSGDSTQ
ANYFRIPTLYTLSSGRVLSSIDARYGGTHDSKSKINIATSYSDDNGKTWSEPIFAMKFNDYEEQLVYWPRDNKLKNSQIS
GSASFIDSSIVEDKKSGKTILLADVMPAGIGNNNANKADSGFKEINGHYYLKLKKNGDNDFRYTVRENGVVYNETTNKPT
NYTINDKYEVLEGGKSLTVEQYSVDFDSGSLRERHNGKQVPMNVFYKDSLFKVTPTNYIAMTTSQNRGESWEQFKLLPPF
LGEKHNGTYLCPGQGLALKSSNRLIFATYTSGELTYLISDDSGQTWKKSSASIPFKNATAEAQMVELRDGVIRTFFRTTT
GKIAYMTSRDSGETWSKVSYIDGIQQTSYGTQVSAIKYSQLIDGKEAVILSTPNSRSGRKGGQLVVGLVNKEDDSIDWKY
HYDIDLPSYGYAYSAITELPNHHIGVLFEKYDSWSRNELHLSNVVQYIDLEINDLTK
;
_entity_poly.pdbx_strand_id   A
#
# COMPACT_ATOMS: atom_id res chain seq x y z
N ILE A 39 -0.16 36.62 1.15
CA ILE A 39 -0.64 37.69 2.03
C ILE A 39 -0.57 37.31 3.52
N SER A 40 -1.06 38.20 4.37
CA SER A 40 -0.90 38.06 5.81
C SER A 40 -2.16 37.53 6.49
N PRO A 41 -2.00 36.87 7.65
CA PRO A 41 -3.14 36.34 8.40
C PRO A 41 -3.99 37.47 8.97
N ILE A 42 -5.30 37.26 9.06
CA ILE A 42 -6.19 38.21 9.71
C ILE A 42 -6.25 37.85 11.19
N PHE A 43 -5.77 36.66 11.50
CA PHE A 43 -5.74 36.18 12.89
C PHE A 43 -4.64 35.16 13.04
N GLN A 44 -3.93 35.23 14.16
CA GLN A 44 -2.87 34.28 14.44
C GLN A 44 -2.72 34.09 15.94
N GLY A 45 -2.78 32.84 16.37
CA GLY A 45 -2.65 32.51 17.78
C GLY A 45 -2.00 31.15 17.97
N GLY A 46 -1.59 30.85 19.19
CA GLY A 46 -0.92 29.58 19.43
C GLY A 46 -0.80 29.19 20.88
N SER A 47 -0.16 28.05 21.11
CA SER A 47 0.01 27.49 22.44
C SER A 47 -1.33 27.29 23.13
N TYR A 48 -2.31 26.78 22.40
CA TYR A 48 -3.60 26.46 23.01
C TYR A 48 -3.65 25.02 23.48
N GLN A 49 -3.95 24.83 24.75
CA GLN A 49 -4.13 23.49 25.27
C GLN A 49 -5.62 23.17 25.27
N LEU A 50 -5.99 22.09 24.60
CA LEU A 50 -7.37 21.61 24.61
C LEU A 50 -7.49 20.43 25.57
N ASN A 51 -7.93 20.68 26.80
CA ASN A 51 -8.09 19.63 27.78
C ASN A 51 -9.56 19.45 28.16
N ASN A 52 -10.36 19.07 27.17
CA ASN A 52 -11.80 18.86 27.37
C ASN A 52 -12.51 20.10 27.88
N LYS A 53 -12.03 21.26 27.43
CA LYS A 53 -12.68 22.53 27.67
C LYS A 53 -12.39 23.48 26.51
N SER A 54 -13.45 23.92 25.84
CA SER A 54 -13.32 24.78 24.69
C SER A 54 -12.68 26.14 25.04
N ILE A 55 -12.07 26.76 24.04
CA ILE A 55 -11.52 28.11 24.17
C ILE A 55 -12.25 29.03 23.22
N ASP A 56 -12.80 30.13 23.77
CA ASP A 56 -13.53 31.09 22.97
C ASP A 56 -12.61 32.16 22.38
N ILE A 57 -12.53 32.22 21.06
CA ILE A 57 -11.72 33.23 20.40
C ILE A 57 -12.59 34.14 19.55
N SER A 58 -13.89 34.13 19.83
CA SER A 58 -14.86 34.92 19.07
C SER A 58 -14.45 36.38 18.91
N SER A 59 -14.11 37.03 20.02
CA SER A 59 -13.80 38.46 20.01
C SER A 59 -12.56 38.75 19.18
N LEU A 60 -11.61 37.83 19.22
CA LEU A 60 -10.37 37.97 18.45
C LEU A 60 -10.55 37.75 16.95
N LEU A 61 -11.50 36.90 16.57
CA LEU A 61 -11.54 36.44 15.19
C LEU A 61 -12.73 36.88 14.36
N LEU A 62 -13.92 36.81 14.96
CA LEU A 62 -15.15 36.88 14.16
C LEU A 62 -15.24 38.12 13.28
N ASP A 63 -14.96 39.29 13.85
CA ASP A 63 -15.05 40.53 13.09
C ASP A 63 -13.86 40.75 12.15
N LYS A 64 -12.96 39.78 12.09
CA LYS A 64 -11.83 39.84 11.16
C LYS A 64 -12.18 39.09 9.87
N LEU A 65 -13.24 38.28 9.94
CA LEU A 65 -13.65 37.46 8.80
C LEU A 65 -14.41 38.28 7.78
N SER A 66 -13.99 38.20 6.52
N SER A 66 -13.97 38.21 6.52
CA SER A 66 -14.64 38.98 5.49
CA SER A 66 -14.57 39.02 5.47
C SER A 66 -14.43 38.36 4.12
C SER A 66 -14.43 38.34 4.11
N GLY A 67 -15.46 38.45 3.29
CA GLY A 67 -15.42 37.88 1.96
C GLY A 67 -15.85 36.43 2.05
N GLU A 68 -15.86 35.76 0.90
CA GLU A 68 -16.43 34.42 0.84
C GLU A 68 -15.38 33.30 0.77
N SER A 69 -14.10 33.67 0.71
CA SER A 69 -13.03 32.68 0.65
C SER A 69 -12.12 32.74 1.87
N GLN A 70 -11.81 31.58 2.46
CA GLN A 70 -10.96 31.55 3.63
C GLN A 70 -9.96 30.38 3.62
N THR A 71 -8.85 30.55 4.31
CA THR A 71 -7.87 29.49 4.49
C THR A 71 -7.56 29.33 5.97
N VAL A 72 -7.60 28.10 6.45
CA VAL A 72 -7.23 27.81 7.82
C VAL A 72 -5.91 27.03 7.83
N VAL A 73 -4.92 27.52 8.56
CA VAL A 73 -3.66 26.82 8.73
C VAL A 73 -3.53 26.54 10.21
N MET A 74 -3.40 25.28 10.57
CA MET A 74 -3.42 24.88 11.96
C MET A 74 -2.40 23.79 12.24
N LYS A 75 -1.46 24.08 13.13
CA LYS A 75 -0.52 23.07 13.61
C LYS A 75 -0.98 22.55 14.96
N PHE A 76 -1.26 21.25 15.04
CA PHE A 76 -1.87 20.67 16.22
C PHE A 76 -1.34 19.28 16.57
N LYS A 77 -1.39 18.94 17.85
CA LYS A 77 -1.07 17.61 18.33
C LYS A 77 -2.29 16.97 18.97
N ALA A 78 -2.41 15.66 18.81
CA ALA A 78 -3.43 14.90 19.53
C ALA A 78 -2.96 13.45 19.62
N ASP A 79 -2.26 13.14 20.71
CA ASP A 79 -1.78 11.77 20.91
C ASP A 79 -2.70 10.99 21.80
N LYS A 80 -3.71 11.65 22.37
CA LYS A 80 -4.73 10.94 23.14
C LYS A 80 -6.12 11.46 22.79
N PRO A 81 -6.49 11.42 21.50
CA PRO A 81 -7.75 12.05 21.09
C PRO A 81 -8.94 11.38 21.71
N ASN A 82 -10.02 12.12 21.92
CA ASN A 82 -11.32 11.53 22.19
C ASN A 82 -11.82 10.86 20.92
N SER A 83 -12.86 10.03 21.05
CA SER A 83 -13.44 9.27 19.95
C SER A 83 -13.78 10.13 18.72
N LEU A 84 -14.42 11.26 18.98
CA LEU A 84 -14.79 12.24 17.95
C LEU A 84 -14.61 13.61 18.55
N GLN A 85 -13.77 14.45 17.96
CA GLN A 85 -13.56 15.78 18.52
C GLN A 85 -13.33 16.86 17.46
N ALA A 86 -13.82 18.06 17.74
CA ALA A 86 -13.61 19.20 16.85
C ALA A 86 -12.39 20.02 17.30
N LEU A 87 -11.54 20.36 16.34
CA LEU A 87 -10.38 21.19 16.62
C LEU A 87 -10.79 22.66 16.57
N PHE A 88 -11.71 22.97 15.66
CA PHE A 88 -12.04 24.37 15.40
C PHE A 88 -13.50 24.48 15.00
N GLY A 89 -14.18 25.49 15.51
CA GLY A 89 -15.58 25.71 15.19
C GLY A 89 -15.97 27.16 15.00
N LEU A 90 -16.82 27.41 14.00
CA LEU A 90 -17.56 28.65 13.87
C LEU A 90 -19.02 28.28 13.93
N SER A 91 -19.77 28.84 14.87
CA SER A 91 -21.15 28.40 15.02
C SER A 91 -22.14 29.50 15.39
N ASN A 92 -23.40 29.28 15.04
CA ASN A 92 -24.50 30.00 15.64
C ASN A 92 -24.85 29.26 16.92
N SER A 93 -24.55 29.87 18.06
CA SER A 93 -24.70 29.20 19.34
C SER A 93 -26.10 29.38 19.91
N LYS A 94 -26.98 30.04 19.17
CA LYS A 94 -28.31 30.40 19.69
C LYS A 94 -29.31 29.24 19.62
N ALA A 95 -30.28 29.28 20.53
CA ALA A 95 -31.32 28.25 20.61
C ALA A 95 -32.03 28.11 19.28
N GLY A 96 -32.25 26.88 18.83
CA GLY A 96 -32.93 26.64 17.56
C GLY A 96 -32.04 26.64 16.33
N PHE A 97 -30.75 26.87 16.51
CA PHE A 97 -29.82 26.89 15.38
C PHE A 97 -28.65 25.93 15.57
N LYS A 98 -28.94 24.74 16.12
CA LYS A 98 -27.88 23.79 16.44
C LYS A 98 -27.19 23.23 15.20
N ASN A 99 -27.81 23.40 14.04
CA ASN A 99 -27.22 22.85 12.82
C ASN A 99 -26.71 23.93 11.89
N ASN A 100 -26.33 25.06 12.48
CA ASN A 100 -25.70 26.15 11.76
C ASN A 100 -24.28 26.33 12.29
N TYR A 101 -23.32 25.62 11.70
CA TYR A 101 -21.94 25.71 12.13
C TYR A 101 -20.96 25.18 11.10
N PHE A 102 -19.72 25.64 11.23
CA PHE A 102 -18.61 25.07 10.49
C PHE A 102 -17.68 24.44 11.51
N SER A 103 -17.16 23.27 11.21
CA SER A 103 -16.20 22.64 12.11
C SER A 103 -15.09 21.91 11.35
N ILE A 104 -13.91 21.87 11.95
CA ILE A 104 -12.87 20.95 11.55
C ILE A 104 -12.79 19.92 12.67
N PHE A 105 -13.02 18.65 12.34
CA PHE A 105 -13.09 17.62 13.37
C PHE A 105 -12.19 16.43 13.04
N MET A 106 -11.92 15.59 14.02
CA MET A 106 -11.16 14.38 13.78
C MET A 106 -11.78 13.23 14.57
N ARG A 107 -11.37 12.01 14.24
CA ARG A 107 -11.77 10.83 14.99
C ARG A 107 -10.53 10.12 15.53
N ASP A 108 -10.70 9.32 16.57
CA ASP A 108 -9.58 8.55 17.09
C ASP A 108 -9.10 7.45 16.13
N SER A 109 -9.78 7.30 14.98
CA SER A 109 -9.26 6.46 13.88
C SER A 109 -8.18 7.16 13.03
N GLY A 110 -8.00 8.46 13.23
CA GLY A 110 -7.09 9.24 12.41
C GLY A 110 -7.76 9.99 11.26
N GLU A 111 -9.09 9.84 11.17
CA GLU A 111 -9.86 10.52 10.14
C GLU A 111 -9.91 12.02 10.42
N ILE A 112 -9.86 12.82 9.35
CA ILE A 112 -10.01 14.28 9.42
C ILE A 112 -11.20 14.69 8.55
N GLY A 113 -11.92 15.72 8.96
CA GLY A 113 -13.02 16.23 8.17
C GLY A 113 -13.49 17.62 8.53
N VAL A 114 -14.41 18.13 7.72
CA VAL A 114 -15.16 19.34 8.05
C VAL A 114 -16.65 19.12 7.91
N GLU A 115 -17.42 19.90 8.66
CA GLU A 115 -18.85 20.07 8.43
C GLU A 115 -19.09 21.53 8.11
N ILE A 116 -20.02 21.79 7.19
CA ILE A 116 -20.41 23.14 6.85
C ILE A 116 -21.93 23.15 6.73
N ARG A 117 -22.59 23.74 7.72
CA ARG A 117 -24.03 23.54 7.88
C ARG A 117 -24.79 24.84 8.08
N ASP A 118 -25.88 24.99 7.34
CA ASP A 118 -26.77 26.14 7.50
C ASP A 118 -28.19 25.65 7.24
N ALA A 119 -29.03 25.66 8.28
CA ALA A 119 -30.38 25.08 8.18
C ALA A 119 -31.27 25.88 7.24
N GLN A 120 -31.15 27.19 7.30
CA GLN A 120 -31.98 28.08 6.49
C GLN A 120 -31.69 27.86 5.02
N LYS A 121 -30.40 27.69 4.71
CA LYS A 121 -29.96 27.43 3.34
C LYS A 121 -30.25 26.00 2.92
N GLY A 122 -30.63 25.17 3.88
CA GLY A 122 -30.81 23.75 3.63
C GLY A 122 -29.53 23.03 3.21
N ILE A 123 -28.39 23.50 3.73
CA ILE A 123 -27.09 22.90 3.40
C ILE A 123 -26.45 22.12 4.57
N ASN A 124 -26.07 20.88 4.31
CA ASN A 124 -25.37 20.05 5.31
C ASN A 124 -24.20 19.31 4.69
N TYR A 125 -23.08 20.00 4.55
CA TYR A 125 -21.91 19.41 3.94
C TYR A 125 -21.07 18.69 4.98
N LEU A 126 -20.58 17.52 4.59
CA LEU A 126 -19.68 16.71 5.41
C LEU A 126 -18.65 16.14 4.47
N PHE A 127 -17.40 16.59 4.58
CA PHE A 127 -16.32 16.02 3.78
C PHE A 127 -15.27 15.49 4.74
N SER A 128 -14.71 14.33 4.42
CA SER A 128 -13.72 13.73 5.30
C SER A 128 -12.85 12.72 4.57
N ARG A 129 -11.73 12.35 5.20
CA ARG A 129 -10.97 11.19 4.78
C ARG A 129 -10.35 10.48 5.98
N PRO A 130 -10.57 9.16 6.06
CA PRO A 130 -9.95 8.32 7.09
C PRO A 130 -8.44 8.37 6.98
N ALA A 131 -7.75 7.92 8.02
CA ALA A 131 -6.29 7.75 7.99
C ALA A 131 -5.54 8.96 7.42
N SER A 132 -5.75 10.13 8.00
CA SER A 132 -5.10 11.35 7.50
C SER A 132 -4.09 11.92 8.48
N LEU A 133 -4.05 11.35 9.68
CA LEU A 133 -3.30 11.95 10.79
C LEU A 133 -2.15 11.08 11.32
N TRP A 134 -1.17 11.73 11.94
CA TRP A 134 -0.25 11.03 12.83
C TRP A 134 -0.59 11.37 14.28
N GLY A 135 -0.28 10.45 15.19
CA GLY A 135 -0.48 10.69 16.60
C GLY A 135 0.84 10.84 17.34
N LYS A 136 1.65 9.79 17.33
CA LYS A 136 2.94 9.75 18.02
C LYS A 136 4.03 9.20 17.12
N HIS A 137 5.27 9.61 17.37
CA HIS A 137 6.44 9.07 16.67
C HIS A 137 7.64 9.11 17.61
N LYS A 138 8.26 7.95 17.82
CA LYS A 138 9.28 7.78 18.85
C LYS A 138 8.74 8.24 20.21
N GLY A 139 7.50 7.87 20.49
CA GLY A 139 6.86 8.19 21.76
C GLY A 139 6.55 9.66 22.01
N GLN A 140 6.66 10.49 20.97
CA GLN A 140 6.42 11.91 21.07
C GLN A 140 5.27 12.33 20.17
N ALA A 141 4.39 13.18 20.70
CA ALA A 141 3.25 13.67 19.95
C ALA A 141 3.69 14.38 18.68
N VAL A 142 3.08 14.01 17.55
CA VAL A 142 3.39 14.60 16.26
C VAL A 142 2.62 15.91 16.03
N GLU A 143 3.35 16.92 15.54
CA GLU A 143 2.72 18.16 15.12
C GLU A 143 2.19 17.98 13.71
N ASN A 144 0.87 17.87 13.58
CA ASN A 144 0.24 17.77 12.28
C ASN A 144 0.06 19.15 11.71
N THR A 145 0.27 19.29 10.42
CA THR A 145 0.08 20.56 9.75
C THR A 145 -1.14 20.44 8.86
N LEU A 146 -2.20 21.16 9.22
CA LEU A 146 -3.47 21.09 8.53
C LEU A 146 -3.74 22.39 7.79
N VAL A 147 -4.08 22.28 6.51
CA VAL A 147 -4.38 23.43 5.68
C VAL A 147 -5.73 23.18 5.05
N PHE A 148 -6.70 24.02 5.39
CA PHE A 148 -8.03 23.93 4.81
C PHE A 148 -8.35 25.16 3.97
N VAL A 149 -8.72 24.92 2.71
CA VAL A 149 -8.99 25.99 1.77
C VAL A 149 -10.45 25.98 1.31
N SER A 150 -11.16 27.07 1.60
CA SER A 150 -12.55 27.26 1.21
C SER A 150 -12.61 28.33 0.14
N ASP A 151 -12.85 27.90 -1.10
CA ASP A 151 -12.68 28.76 -2.26
C ASP A 151 -14.03 29.03 -2.94
N SER A 152 -14.53 30.25 -2.77
CA SER A 152 -15.84 30.60 -3.31
C SER A 152 -15.86 30.72 -4.83
N LYS A 153 -14.72 31.09 -5.41
CA LYS A 153 -14.62 31.28 -6.86
C LYS A 153 -14.71 29.95 -7.61
N ASP A 154 -14.02 28.93 -7.12
CA ASP A 154 -14.08 27.62 -7.74
C ASP A 154 -15.14 26.74 -7.11
N LYS A 155 -15.80 27.25 -6.07
CA LYS A 155 -16.82 26.49 -5.33
C LYS A 155 -16.29 25.16 -4.80
N THR A 156 -15.09 25.21 -4.23
CA THR A 156 -14.35 24.01 -3.89
C THR A 156 -13.74 24.10 -2.49
N TYR A 157 -13.91 23.04 -1.72
CA TYR A 157 -13.25 22.91 -0.42
C TYR A 157 -12.12 21.88 -0.51
N THR A 158 -10.96 22.24 0.00
CA THR A 158 -9.78 21.39 -0.11
C THR A 158 -9.06 21.29 1.22
N MET A 159 -8.70 20.06 1.60
CA MET A 159 -8.03 19.80 2.86
C MET A 159 -6.68 19.13 2.63
N TYR A 160 -5.64 19.70 3.21
CA TYR A 160 -4.32 19.12 3.19
C TYR A 160 -3.94 18.77 4.62
N VAL A 161 -3.29 17.61 4.81
CA VAL A 161 -2.72 17.33 6.11
C VAL A 161 -1.33 16.76 5.94
N ASN A 162 -0.36 17.43 6.56
CA ASN A 162 1.03 16.99 6.50
C ASN A 162 1.54 16.95 5.07
N GLY A 163 1.10 17.92 4.27
CA GLY A 163 1.59 18.08 2.90
C GLY A 163 0.88 17.20 1.90
N ILE A 164 -0.21 16.59 2.34
CA ILE A 164 -0.95 15.66 1.52
C ILE A 164 -2.39 16.12 1.38
N GLU A 165 -2.84 16.27 0.14
CA GLU A 165 -4.22 16.61 -0.13
C GLU A 165 -5.07 15.38 0.14
N VAL A 166 -6.00 15.48 1.08
CA VAL A 166 -6.80 14.30 1.46
C VAL A 166 -8.23 14.36 0.93
N PHE A 167 -8.71 15.57 0.64
CA PHE A 167 -9.92 15.72 -0.17
C PHE A 167 -9.99 17.07 -0.90
N SER A 168 -10.72 17.07 -2.00
CA SER A 168 -10.98 18.29 -2.75
C SER A 168 -12.39 18.15 -3.32
N GLU A 169 -13.33 18.90 -2.75
CA GLU A 169 -14.73 18.72 -3.10
C GLU A 169 -15.33 19.97 -3.71
N THR A 170 -15.87 19.83 -4.93
CA THR A 170 -16.56 20.92 -5.59
C THR A 170 -18.07 20.75 -5.41
N VAL A 171 -18.77 21.85 -5.13
CA VAL A 171 -20.22 21.79 -4.93
C VAL A 171 -20.95 22.72 -5.88
N ASP A 172 -22.23 22.43 -6.11
CA ASP A 172 -23.07 23.29 -6.96
C ASP A 172 -23.37 24.58 -6.22
N THR A 173 -23.77 24.45 -4.96
CA THR A 173 -24.11 25.59 -4.13
C THR A 173 -23.06 25.76 -3.03
N PHE A 174 -22.20 26.76 -3.22
CA PHE A 174 -21.13 27.01 -2.28
C PHE A 174 -21.65 27.71 -1.02
N LEU A 175 -21.08 27.32 0.13
CA LEU A 175 -21.40 27.97 1.39
C LEU A 175 -20.11 28.48 2.02
N PRO A 176 -19.87 29.80 1.94
CA PRO A 176 -18.71 30.38 2.61
C PRO A 176 -18.83 30.09 4.10
N ILE A 177 -17.72 29.75 4.76
CA ILE A 177 -17.76 29.25 6.13
C ILE A 177 -18.25 30.29 7.15
N SER A 178 -18.08 31.57 6.83
CA SER A 178 -18.52 32.62 7.74
C SER A 178 -19.78 33.28 7.21
N ASN A 179 -20.42 32.63 6.23
CA ASN A 179 -21.66 33.10 5.65
C ASN A 179 -22.84 32.33 6.25
N ILE A 180 -22.55 31.45 7.22
CA ILE A 180 -23.59 30.69 7.90
C ILE A 180 -24.50 31.61 8.73
N ASN A 181 -25.80 31.46 8.56
CA ASN A 181 -26.78 32.33 9.23
CA ASN A 181 -26.77 32.33 9.23
C ASN A 181 -26.58 32.44 10.74
N GLY A 182 -26.36 33.66 11.22
CA GLY A 182 -26.26 33.96 12.63
C GLY A 182 -25.03 33.50 13.41
N ILE A 183 -23.91 33.32 12.73
CA ILE A 183 -22.70 32.87 13.43
C ILE A 183 -22.29 33.87 14.50
N ASP A 184 -22.10 33.38 15.73
CA ASP A 184 -21.75 34.27 16.82
C ASP A 184 -20.64 33.73 17.75
N LYS A 185 -20.02 32.62 17.35
CA LYS A 185 -18.95 32.02 18.14
C LYS A 185 -17.82 31.49 17.26
N ALA A 186 -16.58 31.75 17.67
CA ALA A 186 -15.41 31.07 17.12
C ALA A 186 -14.80 30.31 18.28
N THR A 187 -14.64 29.00 18.11
CA THR A 187 -14.27 28.12 19.21
C THR A 187 -13.09 27.19 18.88
N LEU A 188 -12.18 27.02 19.83
CA LEU A 188 -11.14 25.99 19.73
C LEU A 188 -11.45 24.81 20.63
N GLY A 189 -11.45 23.61 20.05
CA GLY A 189 -11.56 22.39 20.84
C GLY A 189 -12.97 21.99 21.19
N ALA A 190 -13.94 22.61 20.53
CA ALA A 190 -15.34 22.17 20.59
C ALA A 190 -16.14 22.91 19.54
N VAL A 191 -17.42 22.55 19.41
CA VAL A 191 -18.35 23.40 18.70
C VAL A 191 -19.44 23.82 19.68
N ASN A 192 -19.67 25.13 19.80
CA ASN A 192 -20.73 25.66 20.64
C ASN A 192 -22.08 25.54 19.95
N ARG A 193 -22.91 24.61 20.40
CA ARG A 193 -24.27 24.45 19.87
C ARG A 193 -25.32 24.68 20.95
N GLU A 194 -26.20 25.64 20.73
CA GLU A 194 -27.23 26.01 21.70
C GLU A 194 -26.64 26.22 23.08
N GLY A 195 -25.46 26.85 23.13
CA GLY A 195 -24.83 27.18 24.39
C GLY A 195 -24.01 26.09 25.06
N LYS A 196 -23.92 24.93 24.42
CA LYS A 196 -23.16 23.82 25.00
C LYS A 196 -21.98 23.35 24.14
N GLU A 197 -20.97 22.80 24.80
CA GLU A 197 -19.77 22.29 24.14
C GLU A 197 -19.99 20.91 23.54
N HIS A 198 -20.07 20.83 22.22
CA HIS A 198 -20.15 19.55 21.54
C HIS A 198 -18.78 19.19 20.98
N TYR A 199 -18.49 17.90 20.83
CA TYR A 199 -17.25 17.45 20.21
C TYR A 199 -16.01 17.93 20.96
N LEU A 200 -16.07 17.88 22.29
CA LEU A 200 -14.97 18.32 23.15
C LEU A 200 -13.65 17.64 22.80
N ALA A 201 -12.61 18.45 22.65
CA ALA A 201 -11.32 17.93 22.21
C ALA A 201 -10.32 17.70 23.33
N LYS A 202 -9.45 16.71 23.12
CA LYS A 202 -8.24 16.55 23.89
C LYS A 202 -7.07 16.63 22.91
N GLY A 203 -6.19 17.61 23.10
CA GLY A 203 -5.01 17.79 22.29
C GLY A 203 -4.45 19.18 22.46
N SER A 204 -3.73 19.68 21.46
CA SER A 204 -3.27 21.07 21.52
C SER A 204 -3.17 21.67 20.14
N ILE A 205 -3.33 22.98 20.07
CA ILE A 205 -3.14 23.70 18.82
C ILE A 205 -1.97 24.64 19.04
N ASP A 206 -0.81 24.27 18.49
CA ASP A 206 0.40 25.02 18.72
C ASP A 206 0.42 26.31 17.91
N GLU A 207 -0.26 26.30 16.77
CA GLU A 207 -0.37 27.46 15.89
C GLU A 207 -1.66 27.42 15.11
N ILE A 208 -2.35 28.55 15.00
CA ILE A 208 -3.47 28.64 14.08
C ILE A 208 -3.53 30.02 13.42
N SER A 209 -3.70 30.01 12.10
CA SER A 209 -3.78 31.24 11.31
C SER A 209 -5.01 31.17 10.42
N LEU A 210 -5.62 32.33 10.17
CA LEU A 210 -6.73 32.42 9.22
C LEU A 210 -6.49 33.52 8.21
N PHE A 211 -6.98 33.28 7.00
CA PHE A 211 -6.71 34.15 5.87
C PHE A 211 -8.05 34.38 5.16
N ASN A 212 -8.31 35.64 4.79
CA ASN A 212 -9.48 35.96 3.98
C ASN A 212 -9.14 35.82 2.51
N LYS A 213 -8.62 34.66 2.16
CA LYS A 213 -8.22 34.34 0.81
C LYS A 213 -8.19 32.81 0.71
N ALA A 214 -8.47 32.30 -0.49
CA ALA A 214 -8.23 30.89 -0.79
C ALA A 214 -6.82 30.79 -1.37
N ILE A 215 -5.85 30.39 -0.58
CA ILE A 215 -4.48 30.31 -1.06
C ILE A 215 -4.26 29.22 -2.12
N SER A 216 -3.31 29.46 -3.01
CA SER A 216 -3.07 28.54 -4.13
C SER A 216 -2.41 27.24 -3.69
N ASP A 217 -2.55 26.22 -4.53
CA ASP A 217 -1.86 24.96 -4.31
C ASP A 217 -0.35 25.20 -4.18
N GLN A 218 0.16 26.17 -4.93
CA GLN A 218 1.55 26.55 -4.88
C GLN A 218 1.93 27.14 -3.54
N GLU A 219 1.10 28.04 -3.04
CA GLU A 219 1.33 28.66 -1.74
C GLU A 219 1.27 27.61 -0.63
N VAL A 220 0.33 26.67 -0.76
CA VAL A 220 0.19 25.60 0.21
C VAL A 220 1.50 24.84 0.39
N SER A 221 2.15 24.54 -0.73
CA SER A 221 3.37 23.73 -0.73
C SER A 221 4.59 24.46 -0.15
N THR A 222 4.48 25.75 0.07
CA THR A 222 5.59 26.50 0.70
C THR A 222 5.47 26.50 2.22
N ILE A 223 4.33 26.05 2.73
CA ILE A 223 4.10 25.99 4.18
C ILE A 223 4.96 24.92 4.83
N PRO A 224 5.79 25.32 5.81
CA PRO A 224 6.71 24.36 6.44
C PRO A 224 5.97 23.22 7.16
N LEU A 225 6.50 22.02 7.10
CA LEU A 225 5.89 20.85 7.73
C LEU A 225 6.77 20.29 8.83
N SER A 226 6.19 19.48 9.70
CA SER A 226 6.95 18.82 10.75
C SER A 226 6.71 17.32 10.66
N ASN A 227 6.78 16.77 9.46
CA ASN A 227 6.46 15.36 9.23
C ASN A 227 7.43 14.38 9.89
N PRO A 228 6.87 13.33 10.49
CA PRO A 228 7.70 12.26 11.04
C PRO A 228 8.04 11.21 9.97
N PHE A 229 7.46 11.38 8.77
CA PHE A 229 7.58 10.39 7.71
C PHE A 229 8.02 11.00 6.38
N GLN A 230 8.26 10.12 5.40
CA GLN A 230 8.65 10.49 4.05
C GLN A 230 7.80 9.66 3.10
N LEU A 231 7.66 10.12 1.87
CA LEU A 231 7.05 9.30 0.84
C LEU A 231 8.13 8.89 -0.13
N ILE A 232 8.09 7.62 -0.53
CA ILE A 232 8.98 7.11 -1.56
C ILE A 232 8.19 7.10 -2.85
N PHE A 233 7.04 6.42 -2.79
CA PHE A 233 6.09 6.44 -3.90
C PHE A 233 4.94 7.36 -3.49
N GLN A 234 4.37 8.07 -4.45
CA GLN A 234 3.31 9.05 -4.16
C GLN A 234 2.53 9.46 -5.39
N SER A 235 1.31 9.93 -5.18
CA SER A 235 0.44 10.38 -6.26
C SER A 235 1.11 11.45 -7.10
N GLY A 236 1.15 11.24 -8.42
CA GLY A 236 1.70 12.24 -9.33
C GLY A 236 3.13 11.96 -9.75
N ASP A 237 3.72 10.90 -9.19
CA ASP A 237 5.09 10.57 -9.56
C ASP A 237 5.13 9.84 -10.91
N SER A 238 6.31 9.35 -11.26
CA SER A 238 6.52 8.72 -12.56
C SER A 238 5.60 7.52 -12.84
N THR A 239 5.07 6.89 -11.80
CA THR A 239 4.21 5.73 -12.00
C THR A 239 2.86 6.14 -12.55
N GLN A 240 2.45 7.36 -12.22
CA GLN A 240 1.12 7.88 -12.53
C GLN A 240 -0.01 7.02 -11.95
N ALA A 241 0.29 6.23 -10.93
CA ALA A 241 -0.76 5.56 -10.16
C ALA A 241 -1.15 6.45 -8.98
N ASN A 242 -2.44 6.59 -8.73
CA ASN A 242 -2.91 7.42 -7.62
C ASN A 242 -2.82 6.67 -6.30
N TYR A 243 -2.56 5.37 -6.37
CA TYR A 243 -2.62 4.47 -5.20
C TYR A 243 -1.46 3.48 -5.16
N PHE A 244 -1.10 3.05 -3.96
CA PHE A 244 -0.01 2.09 -3.77
C PHE A 244 -0.31 1.14 -2.63
N ARG A 245 0.09 -0.12 -2.79
CA ARG A 245 -0.04 -1.10 -1.73
C ARG A 245 1.12 -2.08 -1.80
N ILE A 246 1.29 -2.86 -0.74
CA ILE A 246 2.23 -3.96 -0.72
C ILE A 246 3.70 -3.48 -0.84
N PRO A 247 4.17 -2.73 0.16
CA PRO A 247 5.55 -2.23 0.12
C PRO A 247 6.57 -3.33 0.42
N THR A 248 7.77 -3.20 -0.18
CA THR A 248 8.91 -4.04 0.17
C THR A 248 10.14 -3.17 0.41
N LEU A 249 11.13 -3.71 1.11
CA LEU A 249 12.40 -3.04 1.34
C LEU A 249 13.49 -4.08 1.40
N TYR A 250 14.65 -3.75 0.84
CA TYR A 250 15.77 -4.67 0.85
C TYR A 250 17.09 -3.90 0.76
N THR A 251 18.03 -4.23 1.65
CA THR A 251 19.32 -3.56 1.65
C THR A 251 20.33 -4.33 0.81
N LEU A 252 20.77 -3.69 -0.26
CA LEU A 252 21.78 -4.27 -1.16
C LEU A 252 23.20 -4.14 -0.61
N SER A 253 24.11 -4.98 -1.07
CA SER A 253 25.46 -5.04 -0.50
C SER A 253 26.31 -3.79 -0.74
N SER A 254 25.96 -3.01 -1.76
CA SER A 254 26.65 -1.75 -2.04
C SER A 254 26.24 -0.66 -1.06
N GLY A 255 25.16 -0.91 -0.33
CA GLY A 255 24.63 0.06 0.61
C GLY A 255 23.37 0.72 0.09
N ARG A 256 23.09 0.54 -1.19
CA ARG A 256 21.80 0.95 -1.75
C ARG A 256 20.66 0.21 -1.10
N VAL A 257 19.62 0.94 -0.74
CA VAL A 257 18.40 0.33 -0.26
C VAL A 257 17.38 0.37 -1.40
N LEU A 258 16.79 -0.78 -1.71
CA LEU A 258 15.83 -0.88 -2.79
C LEU A 258 14.44 -1.14 -2.24
N SER A 259 13.45 -0.55 -2.90
CA SER A 259 12.06 -0.75 -2.53
C SER A 259 11.22 -1.08 -3.75
N SER A 260 10.26 -1.97 -3.58
CA SER A 260 9.29 -2.22 -4.64
C SER A 260 7.88 -2.15 -4.06
N ILE A 261 6.88 -2.07 -4.93
CA ILE A 261 5.54 -1.77 -4.47
C ILE A 261 4.54 -2.06 -5.60
N ASP A 262 3.29 -2.31 -5.21
CA ASP A 262 2.20 -2.36 -6.18
C ASP A 262 1.85 -0.91 -6.52
N ALA A 263 2.05 -0.51 -7.77
CA ALA A 263 1.49 0.76 -8.24
C ALA A 263 0.07 0.48 -8.74
N ARG A 264 -0.93 0.87 -7.94
CA ARG A 264 -2.29 0.45 -8.22
C ARG A 264 -3.13 1.58 -8.81
N TYR A 265 -3.63 1.33 -10.02
CA TYR A 265 -4.30 2.37 -10.79
C TYR A 265 -5.81 2.44 -10.53
N GLY A 266 -6.49 1.30 -10.46
CA GLY A 266 -7.93 1.29 -10.28
C GLY A 266 -8.31 1.27 -8.81
N GLY A 267 -7.97 2.34 -8.10
CA GLY A 267 -8.13 2.33 -6.66
C GLY A 267 -7.15 1.38 -5.98
N THR A 268 -7.48 0.99 -4.76
CA THR A 268 -6.60 0.11 -3.99
C THR A 268 -6.99 -1.35 -4.11
N HIS A 269 -7.96 -1.66 -4.97
CA HIS A 269 -8.42 -3.04 -5.17
C HIS A 269 -7.30 -3.98 -5.59
N ASP A 270 -7.25 -5.18 -4.99
CA ASP A 270 -6.44 -6.29 -5.51
C ASP A 270 -6.95 -6.55 -6.92
N SER A 271 -6.12 -7.11 -7.79
CA SER A 271 -6.63 -7.57 -9.09
C SER A 271 -7.98 -8.31 -8.94
N LYS A 272 -8.94 -8.13 -9.85
CA LYS A 272 -8.77 -7.43 -11.12
C LYS A 272 -8.71 -5.89 -11.05
N SER A 273 -7.75 -5.36 -11.80
CA SER A 273 -7.45 -3.95 -11.79
C SER A 273 -6.31 -3.79 -12.79
N LYS A 274 -5.77 -2.59 -12.87
CA LYS A 274 -4.46 -2.41 -13.47
C LYS A 274 -3.52 -2.11 -12.32
N ILE A 275 -2.45 -2.92 -12.24
CA ILE A 275 -1.39 -2.72 -11.27
C ILE A 275 -0.08 -3.04 -11.97
N ASN A 276 0.88 -2.13 -11.87
CA ASN A 276 2.28 -2.36 -12.22
C ASN A 276 3.11 -2.52 -10.94
N ILE A 277 4.30 -3.08 -11.08
CA ILE A 277 5.27 -3.15 -9.98
C ILE A 277 6.34 -2.08 -10.20
N ALA A 278 6.48 -1.17 -9.24
CA ALA A 278 7.41 -0.05 -9.38
C ALA A 278 8.53 -0.16 -8.35
N THR A 279 9.67 0.46 -8.64
CA THR A 279 10.80 0.42 -7.72
C THR A 279 11.47 1.79 -7.59
N SER A 280 12.11 2.01 -6.44
CA SER A 280 12.86 3.22 -6.15
C SER A 280 14.00 2.78 -5.24
N TYR A 281 15.10 3.53 -5.22
CA TYR A 281 16.19 3.17 -4.33
C TYR A 281 16.73 4.40 -3.62
N SER A 282 17.38 4.18 -2.49
CA SER A 282 18.04 5.25 -1.74
C SER A 282 19.52 4.93 -1.59
N ASP A 283 20.37 5.91 -1.86
CA ASP A 283 21.81 5.72 -1.72
C ASP A 283 22.37 6.45 -0.52
N ASP A 284 21.49 7.04 0.29
CA ASP A 284 21.91 7.80 1.47
C ASP A 284 21.16 7.38 2.74
N ASN A 285 21.07 6.07 2.96
CA ASN A 285 20.42 5.49 4.13
C ASN A 285 18.94 5.87 4.29
N GLY A 286 18.25 6.05 3.16
CA GLY A 286 16.82 6.30 3.21
C GLY A 286 16.42 7.77 3.27
N LYS A 287 17.42 8.65 3.28
CA LYS A 287 17.15 10.09 3.32
C LYS A 287 16.43 10.57 2.07
N THR A 288 16.89 10.13 0.91
CA THR A 288 16.23 10.49 -0.35
C THR A 288 16.09 9.27 -1.22
N TRP A 289 15.21 9.36 -2.21
CA TRP A 289 14.81 8.20 -2.99
C TRP A 289 14.67 8.61 -4.44
N SER A 290 15.01 7.70 -5.35
CA SER A 290 14.97 7.98 -6.77
C SER A 290 13.54 8.04 -7.31
N GLU A 291 13.37 8.72 -8.43
CA GLU A 291 12.09 8.71 -9.12
C GLU A 291 11.83 7.27 -9.55
N PRO A 292 10.63 6.75 -9.25
CA PRO A 292 10.35 5.34 -9.49
C PRO A 292 10.46 4.96 -10.96
N ILE A 293 10.77 3.70 -11.21
CA ILE A 293 10.67 3.10 -12.53
C ILE A 293 9.82 1.84 -12.37
N PHE A 294 9.47 1.20 -13.49
CA PHE A 294 8.75 -0.07 -13.47
C PHE A 294 9.68 -1.29 -13.56
N ALA A 295 9.47 -2.28 -12.68
CA ALA A 295 10.14 -3.56 -12.84
C ALA A 295 9.28 -4.49 -13.69
N MET A 296 7.97 -4.36 -13.54
CA MET A 296 7.02 -5.15 -14.29
C MET A 296 5.82 -4.30 -14.72
N LYS A 297 5.59 -4.20 -16.02
CA LYS A 297 4.43 -3.42 -16.46
C LYS A 297 3.74 -3.98 -17.69
N PHE A 298 2.44 -3.72 -17.78
CA PHE A 298 1.67 -4.08 -18.96
C PHE A 298 1.18 -2.79 -19.61
N ASN A 299 0.92 -2.82 -20.91
CA ASN A 299 0.50 -1.62 -21.64
C ASN A 299 -0.90 -1.70 -22.24
N ASP A 300 -1.66 -2.75 -21.93
CA ASP A 300 -2.98 -2.92 -22.53
C ASP A 300 -3.93 -1.84 -22.07
N TYR A 301 -3.70 -1.32 -20.87
CA TYR A 301 -4.44 -0.15 -20.39
C TYR A 301 -3.44 0.97 -20.13
N GLU A 302 -3.86 2.20 -20.41
CA GLU A 302 -3.07 3.39 -20.13
C GLU A 302 -2.77 3.54 -18.65
N GLU A 303 -1.58 4.02 -18.31
CA GLU A 303 -1.27 4.37 -16.92
C GLU A 303 -1.92 5.72 -16.56
N GLN A 304 -3.04 5.68 -15.85
CA GLN A 304 -3.78 6.91 -15.55
C GLN A 304 -3.88 7.21 -14.06
N LEU A 305 -3.65 8.46 -13.71
CA LEU A 305 -3.85 8.93 -12.35
C LEU A 305 -5.34 9.26 -12.21
N VAL A 306 -6.09 8.40 -11.51
CA VAL A 306 -7.53 8.55 -11.47
C VAL A 306 -8.03 8.66 -10.03
N TYR A 307 -8.90 9.62 -9.76
CA TYR A 307 -9.56 9.70 -8.46
CA TYR A 307 -9.53 9.68 -8.45
C TYR A 307 -10.69 8.66 -8.40
N TRP A 308 -10.46 7.57 -7.69
CA TRP A 308 -11.45 6.50 -7.60
C TRP A 308 -12.56 6.87 -6.61
N PRO A 309 -13.84 6.70 -7.02
CA PRO A 309 -14.95 7.09 -6.15
C PRO A 309 -14.97 6.33 -4.82
N ARG A 310 -15.33 7.01 -3.74
CA ARG A 310 -15.29 6.46 -2.40
C ARG A 310 -16.68 6.31 -1.82
N ASP A 311 -17.68 6.65 -2.61
CA ASP A 311 -19.07 6.50 -2.16
C ASP A 311 -19.50 5.06 -2.29
N ASN A 312 -20.50 4.68 -1.50
CA ASN A 312 -20.90 3.28 -1.38
C ASN A 312 -21.46 2.68 -2.66
N LYS A 313 -21.98 3.51 -3.54
CA LYS A 313 -22.53 3.03 -4.80
C LYS A 313 -21.45 2.62 -5.80
N LEU A 314 -20.34 3.36 -5.82
CA LEU A 314 -19.34 3.18 -6.86
C LEU A 314 -17.96 2.68 -6.41
N LYS A 315 -17.73 2.58 -5.10
CA LYS A 315 -16.38 2.28 -4.63
C LYS A 315 -15.88 0.91 -5.06
N ASN A 316 -16.79 0.00 -5.34
CA ASN A 316 -16.43 -1.33 -5.85
C ASN A 316 -16.27 -1.42 -7.36
N SER A 317 -16.38 -0.30 -8.04
CA SER A 317 -15.98 -0.22 -9.44
C SER A 317 -14.55 -0.73 -9.58
N GLN A 318 -14.31 -1.52 -10.62
CA GLN A 318 -13.07 -2.25 -10.74
C GLN A 318 -12.68 -2.29 -12.19
N ILE A 319 -11.46 -1.86 -12.50
CA ILE A 319 -10.94 -2.03 -13.86
C ILE A 319 -10.92 -3.53 -14.17
N SER A 320 -11.68 -3.92 -15.19
CA SER A 320 -12.07 -5.30 -15.35
C SER A 320 -11.50 -6.03 -16.56
N GLY A 321 -10.90 -5.29 -17.49
CA GLY A 321 -10.32 -5.91 -18.67
C GLY A 321 -8.81 -5.73 -18.80
N SER A 322 -8.13 -5.41 -17.70
CA SER A 322 -6.68 -5.21 -17.74
C SER A 322 -5.88 -6.39 -17.17
N ALA A 323 -4.73 -6.65 -17.75
CA ALA A 323 -3.77 -7.57 -17.14
C ALA A 323 -3.10 -6.81 -16.00
N SER A 324 -2.48 -7.53 -15.06
CA SER A 324 -1.87 -6.87 -13.92
CA SER A 324 -1.93 -6.90 -13.88
C SER A 324 -0.84 -7.74 -13.21
N PHE A 325 0.04 -7.08 -12.47
CA PHE A 325 0.96 -7.73 -11.57
C PHE A 325 0.45 -7.48 -10.14
N ILE A 326 0.92 -8.22 -9.14
CA ILE A 326 0.50 -8.01 -7.76
C ILE A 326 1.42 -8.79 -6.82
N ASP A 327 1.76 -8.22 -5.67
CA ASP A 327 2.61 -8.88 -4.68
C ASP A 327 4.05 -9.14 -5.15
N SER A 328 4.94 -8.18 -4.91
CA SER A 328 6.33 -8.36 -5.31
C SER A 328 7.22 -8.74 -4.12
N SER A 329 8.33 -9.39 -4.45
CA SER A 329 9.31 -9.81 -3.45
C SER A 329 10.70 -9.66 -4.04
N ILE A 330 11.65 -9.24 -3.20
CA ILE A 330 13.02 -8.94 -3.65
C ILE A 330 14.07 -9.79 -2.93
N VAL A 331 15.16 -10.07 -3.63
CA VAL A 331 16.35 -10.66 -3.01
C VAL A 331 17.59 -10.28 -3.81
N GLU A 332 18.76 -10.37 -3.17
CA GLU A 332 20.00 -10.11 -3.88
C GLU A 332 20.90 -11.37 -3.89
N ASP A 333 21.49 -11.65 -5.05
CA ASP A 333 22.37 -12.81 -5.22
C ASP A 333 23.85 -12.42 -5.17
N LYS A 334 24.52 -12.81 -4.09
CA LYS A 334 25.96 -12.58 -3.89
C LYS A 334 26.81 -12.96 -5.09
N LYS A 335 26.52 -14.13 -5.65
CA LYS A 335 27.37 -14.70 -6.69
C LYS A 335 27.44 -13.85 -7.97
N SER A 336 26.30 -13.59 -8.58
CA SER A 336 26.26 -12.81 -9.82
C SER A 336 26.24 -11.31 -9.52
N GLY A 337 25.73 -10.98 -8.34
CA GLY A 337 25.52 -9.59 -7.99
C GLY A 337 24.17 -9.07 -8.49
N LYS A 338 23.41 -9.91 -9.18
CA LYS A 338 22.10 -9.50 -9.69
C LYS A 338 21.12 -9.25 -8.54
N THR A 339 20.18 -8.35 -8.77
CA THR A 339 19.00 -8.22 -7.91
C THR A 339 17.88 -8.99 -8.61
N ILE A 340 17.07 -9.68 -7.82
CA ILE A 340 16.01 -10.51 -8.38
C ILE A 340 14.67 -10.10 -7.77
N LEU A 341 13.69 -9.87 -8.62
CA LEU A 341 12.35 -9.45 -8.20
C LEU A 341 11.32 -10.40 -8.81
N LEU A 342 10.45 -10.95 -7.97
CA LEU A 342 9.35 -11.77 -8.43
C LEU A 342 8.03 -11.05 -8.11
N ALA A 343 6.99 -11.33 -8.88
CA ALA A 343 5.65 -10.86 -8.58
C ALA A 343 4.61 -11.84 -9.15
N ASP A 344 3.39 -11.83 -8.62
CA ASP A 344 2.31 -12.58 -9.27
C ASP A 344 1.93 -11.87 -10.58
N VAL A 345 1.50 -12.65 -11.57
CA VAL A 345 1.02 -12.09 -12.84
C VAL A 345 -0.40 -12.56 -13.11
N MET A 346 -1.25 -11.65 -13.59
CA MET A 346 -2.65 -11.95 -13.87
C MET A 346 -3.01 -11.50 -15.27
N PRO A 347 -3.55 -12.42 -16.08
CA PRO A 347 -4.08 -12.03 -17.38
C PRO A 347 -5.36 -11.25 -17.21
N ALA A 348 -5.79 -10.62 -18.29
CA ALA A 348 -6.89 -9.66 -18.29
C ALA A 348 -8.18 -10.22 -17.69
N GLY A 349 -8.80 -9.40 -16.85
CA GLY A 349 -10.03 -9.76 -16.15
C GLY A 349 -9.81 -10.57 -14.89
N ILE A 350 -8.58 -11.05 -14.68
CA ILE A 350 -8.33 -12.11 -13.71
C ILE A 350 -7.79 -11.66 -12.35
N GLY A 351 -8.47 -12.12 -11.30
CA GLY A 351 -8.04 -11.98 -9.92
C GLY A 351 -7.84 -13.36 -9.32
N ASN A 352 -7.86 -13.46 -8.00
CA ASN A 352 -7.72 -14.77 -7.37
C ASN A 352 -9.08 -15.47 -7.19
N ASN A 353 -10.16 -14.70 -7.38
CA ASN A 353 -11.53 -15.20 -7.30
C ASN A 353 -12.00 -15.91 -8.56
N ASN A 354 -11.57 -15.41 -9.70
CA ASN A 354 -11.88 -16.01 -10.99
C ASN A 354 -10.68 -16.77 -11.57
N ALA A 355 -9.64 -16.94 -10.77
CA ALA A 355 -8.43 -17.63 -11.23
C ALA A 355 -8.69 -19.12 -11.36
N ASN A 356 -8.52 -19.62 -12.58
CA ASN A 356 -8.70 -21.03 -12.88
C ASN A 356 -7.85 -21.92 -11.95
N LYS A 357 -8.43 -22.30 -10.83
CA LYS A 357 -7.87 -23.39 -10.02
C LYS A 357 -8.08 -24.65 -10.84
N ALA A 358 -7.30 -25.68 -10.55
CA ALA A 358 -7.33 -26.94 -11.32
C ALA A 358 -6.77 -26.79 -12.73
N ASP A 359 -5.87 -25.82 -12.91
CA ASP A 359 -5.12 -25.66 -14.15
C ASP A 359 -3.92 -24.74 -13.94
N SER A 360 -2.72 -25.28 -14.15
CA SER A 360 -1.48 -24.51 -14.02
C SER A 360 -1.26 -23.53 -15.17
N GLY A 361 -1.95 -23.74 -16.29
CA GLY A 361 -1.74 -22.93 -17.46
C GLY A 361 -0.61 -23.45 -18.34
N PHE A 362 0.01 -24.56 -17.90
CA PHE A 362 1.04 -25.21 -18.70
C PHE A 362 0.63 -26.64 -19.09
N LYS A 363 1.13 -27.09 -20.23
CA LYS A 363 0.97 -28.49 -20.62
C LYS A 363 2.28 -29.24 -20.38
N GLU A 364 2.18 -30.40 -19.74
CA GLU A 364 3.34 -31.26 -19.57
C GLU A 364 3.56 -32.13 -20.78
N ILE A 365 4.72 -32.00 -21.39
CA ILE A 365 5.10 -32.86 -22.49
C ILE A 365 6.48 -33.44 -22.23
N ASN A 366 6.48 -34.53 -21.47
CA ASN A 366 7.68 -35.29 -21.11
C ASN A 366 8.71 -34.56 -20.25
N GLY A 367 8.31 -34.20 -19.04
CA GLY A 367 9.23 -33.59 -18.08
C GLY A 367 9.42 -32.10 -18.31
N HIS A 368 8.91 -31.61 -19.42
CA HIS A 368 8.98 -30.18 -19.74
C HIS A 368 7.61 -29.53 -19.74
N TYR A 369 7.57 -28.27 -19.33
CA TYR A 369 6.32 -27.52 -19.25
C TYR A 369 6.25 -26.43 -20.32
N TYR A 370 5.17 -26.44 -21.09
CA TYR A 370 4.94 -25.42 -22.10
C TYR A 370 3.69 -24.61 -21.82
N LEU A 371 3.83 -23.29 -21.95
CA LEU A 371 2.73 -22.36 -21.73
C LEU A 371 1.59 -22.63 -22.71
N LYS A 372 0.38 -22.84 -22.19
CA LYS A 372 -0.78 -23.08 -23.05
C LYS A 372 -1.34 -21.76 -23.61
N LEU A 373 -1.89 -21.82 -24.82
CA LEU A 373 -2.53 -20.67 -25.45
C LEU A 373 -3.88 -21.04 -26.08
N LYS A 374 -4.77 -20.07 -26.17
CA LYS A 374 -6.02 -20.25 -26.90
C LYS A 374 -6.15 -19.19 -27.97
N LYS A 375 -6.47 -19.60 -29.19
CA LYS A 375 -6.62 -18.66 -30.29
C LYS A 375 -8.04 -18.10 -30.36
N ASN A 376 -8.12 -16.84 -30.77
CA ASN A 376 -9.38 -16.17 -31.10
C ASN A 376 -10.31 -17.09 -31.90
N GLY A 377 -11.40 -17.51 -31.27
CA GLY A 377 -12.40 -18.32 -31.94
C GLY A 377 -12.56 -19.74 -31.42
N ASP A 378 -11.50 -20.31 -30.86
CA ASP A 378 -11.54 -21.70 -30.39
C ASP A 378 -12.17 -21.77 -29.02
N ASN A 379 -12.79 -22.90 -28.70
CA ASN A 379 -13.36 -23.09 -27.37
C ASN A 379 -12.38 -23.76 -26.41
N ASP A 380 -11.27 -24.25 -26.94
CA ASP A 380 -10.27 -24.93 -26.13
C ASP A 380 -8.90 -24.31 -26.33
N PHE A 381 -7.95 -24.73 -25.49
CA PHE A 381 -6.56 -24.31 -25.65
C PHE A 381 -5.84 -25.34 -26.52
N ARG A 382 -5.65 -24.99 -27.78
CA ARG A 382 -5.11 -25.96 -28.73
C ARG A 382 -3.67 -25.67 -29.08
N TYR A 383 -3.07 -24.68 -28.41
CA TYR A 383 -1.69 -24.32 -28.72
C TYR A 383 -0.79 -24.38 -27.49
N THR A 384 0.50 -24.36 -27.74
CA THR A 384 1.50 -24.28 -26.69
C THR A 384 2.61 -23.40 -27.22
N VAL A 385 3.39 -22.83 -26.33
CA VAL A 385 4.57 -22.07 -26.69
C VAL A 385 5.76 -22.98 -26.43
N ARG A 386 6.23 -23.69 -27.47
CA ARG A 386 7.39 -24.56 -27.33
C ARG A 386 8.67 -23.74 -27.38
N GLU A 387 9.79 -24.43 -27.57
CA GLU A 387 11.10 -23.79 -27.59
C GLU A 387 11.22 -22.69 -28.65
N ASN A 388 11.99 -21.67 -28.33
CA ASN A 388 12.09 -20.45 -29.14
C ASN A 388 10.73 -19.81 -29.40
N GLY A 389 9.84 -19.87 -28.41
CA GLY A 389 8.56 -19.20 -28.47
C GLY A 389 7.69 -19.51 -29.67
N VAL A 390 7.93 -20.66 -30.30
CA VAL A 390 7.16 -21.06 -31.46
C VAL A 390 5.78 -21.53 -31.05
N VAL A 391 4.75 -20.88 -31.59
CA VAL A 391 3.39 -21.26 -31.27
C VAL A 391 3.00 -22.49 -32.07
N TYR A 392 2.54 -23.50 -31.35
CA TYR A 392 2.51 -24.85 -31.87
C TYR A 392 1.11 -25.40 -31.69
N ASN A 393 0.50 -25.82 -32.78
CA ASN A 393 -0.85 -26.38 -32.74
C ASN A 393 -0.81 -27.80 -32.19
N GLU A 394 -1.50 -28.04 -31.08
CA GLU A 394 -1.46 -29.34 -30.43
C GLU A 394 -2.38 -30.37 -31.08
N THR A 395 -3.40 -29.91 -31.80
CA THR A 395 -4.36 -30.82 -32.40
C THR A 395 -3.80 -31.50 -33.65
N THR A 396 -2.83 -30.84 -34.29
CA THR A 396 -2.24 -31.35 -35.52
C THR A 396 -0.72 -31.44 -35.39
N ASN A 397 -0.21 -31.09 -34.22
CA ASN A 397 1.22 -31.13 -33.93
C ASN A 397 2.09 -30.35 -34.92
N LYS A 398 1.44 -29.51 -35.70
CA LYS A 398 2.15 -28.63 -36.62
C LYS A 398 2.47 -27.33 -35.90
N PRO A 399 3.66 -26.78 -36.16
CA PRO A 399 3.94 -25.41 -35.70
C PRO A 399 3.22 -24.40 -36.59
N THR A 400 2.89 -23.24 -36.02
CA THR A 400 2.26 -22.16 -36.77
C THR A 400 3.33 -21.18 -37.21
N ASN A 401 2.93 -20.18 -37.98
CA ASN A 401 3.84 -19.11 -38.33
C ASN A 401 3.86 -18.03 -37.23
N TYR A 402 3.18 -18.29 -36.13
CA TYR A 402 3.17 -17.36 -35.00
C TYR A 402 4.25 -17.70 -33.98
N THR A 403 4.95 -16.68 -33.50
CA THR A 403 5.87 -16.86 -32.38
C THR A 403 5.63 -15.85 -31.25
N ILE A 404 6.09 -16.21 -30.06
CA ILE A 404 6.00 -15.35 -28.90
C ILE A 404 7.40 -14.85 -28.51
N ASN A 405 7.59 -13.53 -28.49
CA ASN A 405 8.91 -13.01 -28.15
C ASN A 405 9.22 -13.08 -26.66
N ASP A 406 10.36 -12.52 -26.27
CA ASP A 406 10.78 -12.56 -24.88
CA ASP A 406 10.82 -12.51 -24.89
C ASP A 406 9.85 -11.73 -24.00
N LYS A 407 9.19 -10.75 -24.59
CA LYS A 407 8.24 -9.91 -23.85
C LYS A 407 6.81 -10.44 -23.85
N TYR A 408 6.65 -11.73 -24.13
CA TYR A 408 5.32 -12.36 -24.23
C TYR A 408 4.41 -11.66 -25.22
N GLU A 409 5.03 -11.02 -26.21
CA GLU A 409 4.32 -10.37 -27.29
C GLU A 409 4.19 -11.28 -28.51
N VAL A 410 3.09 -11.12 -29.24
CA VAL A 410 2.79 -11.98 -30.37
C VAL A 410 3.40 -11.44 -31.67
N LEU A 411 4.10 -12.31 -32.38
CA LEU A 411 4.65 -11.96 -33.68
C LEU A 411 4.04 -12.88 -34.73
N GLU A 412 3.77 -12.36 -35.92
CA GLU A 412 3.40 -13.21 -37.05
C GLU A 412 4.45 -13.04 -38.14
N GLY A 413 5.07 -14.15 -38.54
CA GLY A 413 6.15 -14.13 -39.51
C GLY A 413 7.25 -13.14 -39.15
N GLY A 414 7.55 -13.03 -37.86
CA GLY A 414 8.55 -12.10 -37.36
C GLY A 414 8.10 -10.65 -37.27
N LYS A 415 6.81 -10.40 -37.50
CA LYS A 415 6.27 -9.05 -37.46
C LYS A 415 5.40 -8.81 -36.22
N SER A 416 5.57 -7.66 -35.58
CA SER A 416 4.88 -7.36 -34.33
C SER A 416 3.41 -7.02 -34.49
N LEU A 417 2.53 -7.91 -34.04
CA LEU A 417 1.10 -7.59 -33.96
C LEU A 417 0.81 -6.61 -32.82
N THR A 418 -0.26 -5.84 -32.97
CA THR A 418 -0.66 -4.85 -31.97
C THR A 418 -2.13 -4.95 -31.59
N VAL A 419 -2.48 -4.35 -30.45
CA VAL A 419 -3.87 -4.17 -30.06
C VAL A 419 -4.03 -2.70 -29.68
N GLU A 420 -5.28 -2.24 -29.70
CA GLU A 420 -5.57 -0.87 -29.28
C GLU A 420 -5.68 -0.81 -27.76
N GLN A 421 -5.08 0.22 -27.17
CA GLN A 421 -5.05 0.40 -25.72
C GLN A 421 -6.40 0.85 -25.19
N TYR A 422 -6.63 0.59 -23.90
CA TYR A 422 -7.82 1.10 -23.21
C TYR A 422 -7.45 2.20 -22.23
N SER A 423 -8.39 3.12 -22.03
CA SER A 423 -8.35 4.11 -20.96
C SER A 423 -9.67 4.04 -20.20
N VAL A 424 -9.67 4.44 -18.93
CA VAL A 424 -10.88 4.38 -18.14
C VAL A 424 -11.32 5.77 -17.69
N ASP A 425 -12.62 5.92 -17.44
CA ASP A 425 -13.15 7.18 -16.95
C ASP A 425 -14.49 6.94 -16.27
N PHE A 426 -14.86 7.87 -15.40
CA PHE A 426 -16.17 7.88 -14.76
C PHE A 426 -17.02 9.07 -15.27
N ASP A 427 -16.78 9.52 -16.49
CA ASP A 427 -17.48 10.71 -17.00
C ASP A 427 -18.97 10.48 -17.16
N SER A 428 -19.35 9.26 -17.53
CA SER A 428 -20.75 8.91 -17.72
C SER A 428 -21.45 8.71 -16.38
N GLY A 429 -20.69 8.74 -15.29
CA GLY A 429 -21.26 8.45 -14.00
C GLY A 429 -20.79 7.12 -13.44
N SER A 430 -20.70 6.11 -14.30
CA SER A 430 -20.14 4.82 -13.90
C SER A 430 -18.83 4.55 -14.65
N LEU A 431 -18.11 3.52 -14.24
CA LEU A 431 -16.82 3.21 -14.88
C LEU A 431 -17.00 2.76 -16.33
N ARG A 432 -16.23 3.38 -17.22
CA ARG A 432 -16.20 2.97 -18.62
C ARG A 432 -14.76 2.63 -19.01
N GLU A 433 -14.62 1.54 -19.75
CA GLU A 433 -13.32 1.12 -20.26
C GLU A 433 -13.41 1.11 -21.78
N ARG A 434 -12.68 2.00 -22.43
CA ARG A 434 -12.80 2.12 -23.88
C ARG A 434 -11.51 2.38 -24.63
N HIS A 435 -11.46 1.90 -25.86
CA HIS A 435 -10.30 2.10 -26.73
C HIS A 435 -9.96 3.58 -26.87
N ASN A 436 -8.67 3.87 -26.91
CA ASN A 436 -8.22 5.25 -26.87
C ASN A 436 -7.46 5.72 -28.11
N GLY A 437 -7.37 4.87 -29.12
CA GLY A 437 -6.71 5.21 -30.38
C GLY A 437 -5.24 4.81 -30.51
N LYS A 438 -4.60 4.54 -29.39
CA LYS A 438 -3.18 4.16 -29.39
C LYS A 438 -2.99 2.65 -29.56
N GLN A 439 -2.07 2.25 -30.44
CA GLN A 439 -1.73 0.84 -30.62
C GLN A 439 -0.52 0.46 -29.76
N VAL A 440 -0.56 -0.75 -29.20
CA VAL A 440 0.56 -1.24 -28.39
C VAL A 440 0.82 -2.71 -28.74
N PRO A 441 2.03 -3.22 -28.46
CA PRO A 441 2.37 -4.59 -28.86
C PRO A 441 1.38 -5.62 -28.30
N MET A 442 0.99 -6.59 -29.12
CA MET A 442 0.01 -7.59 -28.69
C MET A 442 0.62 -8.61 -27.71
N ASN A 443 0.06 -8.66 -26.50
CA ASN A 443 0.59 -9.53 -25.45
C ASN A 443 -0.39 -10.61 -25.09
N VAL A 444 0.09 -11.84 -24.93
CA VAL A 444 -0.79 -12.97 -24.64
C VAL A 444 -1.52 -12.85 -23.29
N PHE A 445 -1.11 -11.89 -22.47
CA PHE A 445 -1.83 -11.62 -21.22
C PHE A 445 -2.99 -10.63 -21.42
N TYR A 446 -3.16 -10.12 -22.64
CA TYR A 446 -4.15 -9.08 -22.89
C TYR A 446 -5.54 -9.61 -23.30
N LYS A 447 -6.56 -8.81 -23.02
CA LYS A 447 -7.93 -9.10 -23.44
C LYS A 447 -8.10 -9.15 -24.97
N ASP A 448 -7.51 -8.21 -25.69
CA ASP A 448 -7.70 -8.09 -27.14
C ASP A 448 -6.71 -8.93 -27.96
N SER A 449 -5.99 -9.83 -27.29
CA SER A 449 -4.94 -10.61 -27.97
C SER A 449 -5.48 -11.81 -28.75
N LEU A 450 -4.87 -12.05 -29.91
CA LEU A 450 -5.20 -13.20 -30.75
C LEU A 450 -4.99 -14.53 -30.01
N PHE A 451 -3.90 -14.63 -29.26
CA PHE A 451 -3.62 -15.78 -28.41
C PHE A 451 -3.62 -15.37 -26.94
N LYS A 452 -4.31 -16.14 -26.12
CA LYS A 452 -4.47 -15.80 -24.72
C LYS A 452 -4.00 -16.92 -23.81
N VAL A 453 -3.32 -16.53 -22.73
CA VAL A 453 -2.91 -17.52 -21.73
C VAL A 453 -4.14 -17.96 -20.94
N THR A 454 -4.00 -19.06 -20.21
CA THR A 454 -5.05 -19.56 -19.32
C THR A 454 -5.39 -18.52 -18.24
N PRO A 455 -6.68 -18.33 -17.96
CA PRO A 455 -7.07 -17.33 -16.96
C PRO A 455 -6.81 -17.81 -15.54
N THR A 456 -5.56 -17.65 -15.10
CA THR A 456 -5.15 -18.08 -13.77
C THR A 456 -3.94 -17.26 -13.32
N ASN A 457 -3.43 -17.52 -12.12
CA ASN A 457 -2.30 -16.78 -11.58
C ASN A 457 -0.96 -17.45 -11.87
N TYR A 458 0.01 -16.64 -12.31
CA TYR A 458 1.35 -17.12 -12.60
C TYR A 458 2.33 -16.37 -11.71
N ILE A 459 3.57 -16.84 -11.65
CA ILE A 459 4.63 -16.07 -11.01
C ILE A 459 5.66 -15.68 -12.07
N ALA A 460 6.02 -14.40 -12.11
CA ALA A 460 7.09 -13.93 -12.99
C ALA A 460 8.32 -13.54 -12.19
N MET A 461 9.45 -13.52 -12.88
CA MET A 461 10.72 -13.08 -12.32
C MET A 461 11.38 -12.13 -13.31
N THR A 462 11.95 -11.03 -12.79
CA THR A 462 12.83 -10.17 -13.57
C THR A 462 14.14 -9.96 -12.81
N THR A 463 15.17 -9.43 -13.46
CA THR A 463 16.42 -9.17 -12.76
C THR A 463 16.97 -7.81 -13.14
N SER A 464 17.81 -7.26 -12.28
CA SER A 464 18.54 -6.04 -12.59
C SER A 464 20.03 -6.28 -12.45
N GLN A 465 20.82 -5.73 -13.38
CA GLN A 465 22.28 -5.84 -13.31
C GLN A 465 22.88 -4.60 -12.70
N ASN A 466 22.07 -3.56 -12.54
CA ASN A 466 22.55 -2.25 -12.11
C ASN A 466 21.83 -1.79 -10.84
N ARG A 467 21.46 -2.77 -10.01
CA ARG A 467 20.89 -2.50 -8.70
C ARG A 467 19.63 -1.66 -8.75
N GLY A 468 18.76 -1.95 -9.71
CA GLY A 468 17.46 -1.31 -9.76
C GLY A 468 17.37 -0.07 -10.62
N GLU A 469 18.41 0.21 -11.41
CA GLU A 469 18.37 1.33 -12.34
C GLU A 469 17.62 0.93 -13.61
N SER A 470 17.58 -0.35 -13.89
CA SER A 470 16.71 -0.88 -14.95
C SER A 470 16.44 -2.35 -14.66
N TRP A 471 15.36 -2.87 -15.23
CA TRP A 471 14.99 -4.26 -15.03
C TRP A 471 14.81 -4.97 -16.38
N GLU A 472 15.18 -6.23 -16.42
CA GLU A 472 14.97 -7.04 -17.62
C GLU A 472 13.51 -7.33 -17.85
N GLN A 473 13.21 -7.86 -19.02
CA GLN A 473 11.88 -8.39 -19.31
C GLN A 473 11.68 -9.64 -18.46
N PHE A 474 10.50 -9.78 -17.87
CA PHE A 474 10.26 -10.88 -16.96
C PHE A 474 10.13 -12.22 -17.67
N LYS A 475 10.41 -13.29 -16.92
CA LYS A 475 10.10 -14.62 -17.39
C LYS A 475 9.14 -15.28 -16.42
N LEU A 476 8.21 -16.09 -16.92
CA LEU A 476 7.37 -16.88 -16.04
C LEU A 476 8.15 -18.04 -15.44
N LEU A 477 7.92 -18.31 -14.17
CA LEU A 477 8.41 -19.52 -13.54
C LEU A 477 7.52 -20.70 -13.96
N PRO A 478 8.07 -21.92 -13.98
CA PRO A 478 7.32 -23.14 -14.30
C PRO A 478 6.37 -23.53 -13.16
N PRO A 479 5.45 -24.47 -13.43
CA PRO A 479 4.62 -24.96 -12.32
C PRO A 479 5.48 -25.81 -11.38
N PHE A 480 5.10 -25.88 -10.11
CA PHE A 480 5.84 -26.66 -9.14
C PHE A 480 5.02 -27.78 -8.55
N LEU A 481 3.70 -27.61 -8.58
CA LEU A 481 2.82 -28.59 -7.96
C LEU A 481 2.05 -29.41 -9.00
N GLY A 482 2.58 -29.47 -10.21
CA GLY A 482 1.98 -30.28 -11.24
C GLY A 482 1.13 -29.56 -12.28
N GLU A 483 0.96 -30.24 -13.39
CA GLU A 483 0.25 -29.74 -14.56
C GLU A 483 -1.14 -29.20 -14.23
N LYS A 484 -1.88 -29.89 -13.37
CA LYS A 484 -3.27 -29.53 -13.13
C LYS A 484 -3.53 -28.92 -11.75
N HIS A 485 -2.51 -28.26 -11.22
CA HIS A 485 -2.64 -27.49 -9.98
C HIS A 485 -2.37 -26.03 -10.36
N ASN A 486 -3.29 -25.12 -10.02
CA ASN A 486 -3.03 -23.71 -10.29
C ASN A 486 -1.88 -23.26 -9.38
N GLY A 487 -1.06 -22.32 -9.88
CA GLY A 487 0.17 -21.98 -9.20
C GLY A 487 0.03 -21.36 -7.83
N THR A 488 1.15 -21.32 -7.09
CA THR A 488 1.16 -20.75 -5.76
C THR A 488 1.20 -19.23 -5.81
N TYR A 489 1.03 -18.61 -4.64
CA TYR A 489 1.01 -17.16 -4.50
C TYR A 489 2.28 -16.65 -3.81
N LEU A 490 2.99 -15.74 -4.48
CA LEU A 490 4.22 -15.20 -3.92
C LEU A 490 3.96 -14.48 -2.60
N CYS A 491 4.82 -14.71 -1.61
CA CYS A 491 4.74 -13.95 -0.37
C CYS A 491 5.46 -12.62 -0.55
N PRO A 492 4.72 -11.52 -0.42
CA PRO A 492 5.32 -10.22 -0.69
C PRO A 492 6.33 -9.81 0.37
N GLY A 493 7.34 -9.06 -0.05
CA GLY A 493 8.37 -8.58 0.86
C GLY A 493 9.77 -8.90 0.36
N GLN A 494 10.47 -9.75 1.12
CA GLN A 494 11.82 -10.17 0.77
C GLN A 494 11.91 -11.67 0.50
N GLY A 495 12.79 -12.05 -0.41
CA GLY A 495 13.26 -13.42 -0.44
C GLY A 495 14.43 -13.51 0.54
N LEU A 496 15.02 -14.70 0.67
CA LEU A 496 16.13 -14.88 1.60
C LEU A 496 17.38 -15.31 0.85
N ALA A 497 18.48 -14.61 1.11
CA ALA A 497 19.78 -14.97 0.60
C ALA A 497 20.61 -15.49 1.77
N LEU A 498 20.83 -16.79 1.80
CA LEU A 498 21.56 -17.42 2.90
C LEU A 498 23.00 -16.89 2.95
N LYS A 499 23.43 -16.53 4.15
CA LYS A 499 24.73 -15.86 4.35
C LYS A 499 25.94 -16.70 3.94
N SER A 500 25.86 -18.00 4.16
CA SER A 500 27.02 -18.88 4.02
C SER A 500 27.02 -19.71 2.75
N SER A 501 26.03 -19.50 1.88
CA SER A 501 26.01 -20.20 0.59
C SER A 501 25.47 -19.32 -0.54
N ASN A 502 25.25 -19.93 -1.69
CA ASN A 502 24.63 -19.26 -2.84
C ASN A 502 23.12 -19.44 -2.87
N ARG A 503 22.56 -20.02 -1.82
CA ARG A 503 21.13 -20.36 -1.83
C ARG A 503 20.17 -19.16 -1.77
N LEU A 504 19.22 -19.16 -2.69
CA LEU A 504 18.15 -18.18 -2.73
C LEU A 504 16.80 -18.86 -2.51
N ILE A 505 15.96 -18.25 -1.70
CA ILE A 505 14.64 -18.80 -1.39
C ILE A 505 13.56 -17.71 -1.41
N PHE A 506 12.45 -17.99 -2.10
CA PHE A 506 11.28 -17.15 -2.03
C PHE A 506 10.13 -17.98 -1.47
N ALA A 507 9.49 -17.49 -0.41
CA ALA A 507 8.34 -18.19 0.13
C ALA A 507 7.15 -17.92 -0.77
N THR A 508 6.35 -18.96 -1.03
CA THR A 508 5.04 -18.77 -1.65
C THR A 508 4.01 -19.59 -0.85
N TYR A 509 2.72 -19.36 -1.10
CA TYR A 509 1.68 -20.12 -0.41
C TYR A 509 0.59 -20.64 -1.35
N THR A 510 -0.05 -21.71 -0.90
CA THR A 510 -1.22 -22.25 -1.58
C THR A 510 -2.07 -22.91 -0.50
N SER A 511 -3.17 -23.55 -0.87
CA SER A 511 -4.03 -24.16 0.14
C SER A 511 -3.29 -25.29 0.84
N GLY A 512 -3.25 -25.24 2.17
CA GLY A 512 -2.66 -26.30 2.96
C GLY A 512 -1.14 -26.35 3.07
N GLU A 513 -0.42 -25.41 2.47
CA GLU A 513 1.04 -25.42 2.60
C GLU A 513 1.77 -24.13 2.19
N LEU A 514 2.97 -23.99 2.72
CA LEU A 514 3.93 -23.03 2.23
C LEU A 514 4.75 -23.76 1.19
N THR A 515 5.03 -23.10 0.09
CA THR A 515 5.83 -23.70 -0.97
C THR A 515 7.03 -22.81 -1.24
N TYR A 516 8.16 -23.15 -0.62
CA TYR A 516 9.37 -22.38 -0.77
C TYR A 516 9.99 -22.68 -2.13
N LEU A 517 10.36 -21.63 -2.85
CA LEU A 517 11.07 -21.78 -4.10
C LEU A 517 12.56 -21.61 -3.84
N ILE A 518 13.36 -22.59 -4.28
CA ILE A 518 14.78 -22.66 -3.95
C ILE A 518 15.66 -22.70 -5.19
N SER A 519 16.66 -21.82 -5.21
CA SER A 519 17.63 -21.78 -6.30
C SER A 519 19.04 -21.71 -5.73
N ASP A 520 19.94 -22.48 -6.32
CA ASP A 520 21.36 -22.45 -5.93
C ASP A 520 22.22 -21.94 -7.07
N ASP A 521 21.58 -21.50 -8.15
CA ASP A 521 22.29 -21.08 -9.36
C ASP A 521 21.86 -19.69 -9.87
N SER A 522 21.74 -18.74 -8.95
CA SER A 522 21.37 -17.36 -9.29
C SER A 522 20.01 -17.24 -9.94
N GLY A 523 19.06 -18.10 -9.53
CA GLY A 523 17.69 -18.00 -10.01
C GLY A 523 17.44 -18.49 -11.42
N GLN A 524 18.42 -19.14 -12.03
CA GLN A 524 18.21 -19.73 -13.35
C GLN A 524 17.27 -20.94 -13.24
N THR A 525 17.44 -21.73 -12.19
CA THR A 525 16.54 -22.86 -11.95
C THR A 525 16.08 -22.86 -10.51
N TRP A 526 14.84 -23.30 -10.33
CA TRP A 526 14.20 -23.34 -9.02
C TRP A 526 13.65 -24.72 -8.75
N LYS A 527 13.68 -25.12 -7.48
CA LYS A 527 12.97 -26.31 -7.03
C LYS A 527 12.06 -25.91 -5.87
N LYS A 528 11.11 -26.77 -5.52
CA LYS A 528 10.21 -26.40 -4.45
C LYS A 528 10.47 -27.22 -3.20
N SER A 529 10.16 -26.63 -2.06
CA SER A 529 10.16 -27.36 -0.81
C SER A 529 8.83 -27.11 -0.13
N SER A 530 8.02 -28.16 -0.03
CA SER A 530 6.68 -28.05 0.54
C SER A 530 6.71 -28.24 2.04
N ALA A 531 5.98 -27.37 2.74
CA ALA A 531 5.84 -27.41 4.18
C ALA A 531 4.36 -27.24 4.54
N SER A 532 3.75 -28.33 4.99
CA SER A 532 2.34 -28.36 5.30
C SER A 532 1.99 -27.42 6.45
N ILE A 533 0.88 -26.70 6.32
CA ILE A 533 0.36 -25.90 7.42
C ILE A 533 -1.09 -26.33 7.75
N PRO A 534 -1.55 -26.08 8.99
CA PRO A 534 -2.84 -26.64 9.42
C PRO A 534 -4.08 -25.81 9.10
N PHE A 535 -4.05 -25.07 8.00
CA PHE A 535 -5.21 -24.30 7.59
C PHE A 535 -5.43 -24.59 6.12
N LYS A 536 -6.68 -24.73 5.70
CA LYS A 536 -6.98 -24.75 4.28
C LYS A 536 -7.32 -23.33 3.89
N ASN A 537 -7.03 -23.00 2.64
CA ASN A 537 -7.26 -21.65 2.10
C ASN A 537 -6.95 -20.48 3.06
N ALA A 538 -5.72 -20.46 3.56
CA ALA A 538 -5.23 -19.32 4.31
C ALA A 538 -4.47 -18.40 3.36
N THR A 539 -4.40 -17.13 3.70
CA THR A 539 -3.51 -16.22 3.00
C THR A 539 -2.24 -16.23 3.82
N ALA A 540 -1.43 -17.28 3.65
CA ALA A 540 -0.30 -17.53 4.52
C ALA A 540 0.95 -16.80 4.05
N GLU A 541 0.86 -15.47 4.03
CA GLU A 541 1.99 -14.62 3.66
C GLU A 541 3.11 -14.83 4.67
N ALA A 542 4.26 -15.24 4.16
CA ALA A 542 5.36 -15.71 5.00
C ALA A 542 6.66 -14.95 4.70
N GLN A 543 7.39 -14.63 5.76
CA GLN A 543 8.70 -14.00 5.62
C GLN A 543 9.72 -14.73 6.50
N MET A 544 10.95 -14.83 6.01
CA MET A 544 11.98 -15.62 6.65
C MET A 544 13.09 -14.79 7.29
N VAL A 545 13.65 -15.30 8.40
CA VAL A 545 14.92 -14.81 8.90
C VAL A 545 15.91 -15.98 9.07
N GLU A 546 17.20 -15.70 8.87
CA GLU A 546 18.22 -16.69 9.20
C GLU A 546 18.69 -16.47 10.65
N LEU A 547 18.36 -17.38 11.54
CA LEU A 547 18.75 -17.24 12.95
C LEU A 547 20.25 -17.45 13.12
N ARG A 548 20.77 -18.43 12.40
CA ARG A 548 22.20 -18.68 12.30
C ARG A 548 22.39 -19.52 11.05
N ASP A 549 23.63 -19.71 10.61
CA ASP A 549 23.92 -20.43 9.37
CA ASP A 549 23.92 -20.44 9.37
C ASP A 549 23.04 -21.68 9.17
N GLY A 550 22.26 -21.67 8.09
CA GLY A 550 21.41 -22.80 7.74
C GLY A 550 20.16 -22.98 8.57
N VAL A 551 19.94 -22.10 9.55
CA VAL A 551 18.75 -22.15 10.38
C VAL A 551 17.80 -21.01 10.00
N ILE A 552 16.69 -21.37 9.35
CA ILE A 552 15.70 -20.40 8.89
C ILE A 552 14.43 -20.44 9.74
N ARG A 553 14.01 -19.30 10.29
CA ARG A 553 12.65 -19.22 10.83
C ARG A 553 11.75 -18.36 9.93
N THR A 554 10.57 -18.91 9.66
CA THR A 554 9.58 -18.27 8.81
C THR A 554 8.41 -17.87 9.69
N PHE A 555 8.05 -16.59 9.66
CA PHE A 555 6.86 -16.10 10.36
C PHE A 555 5.76 -15.88 9.33
N PHE A 556 4.55 -16.34 9.63
CA PHE A 556 3.49 -16.19 8.65
C PHE A 556 2.10 -15.92 9.20
N ARG A 557 1.32 -15.32 8.32
CA ARG A 557 -0.06 -14.92 8.56
C ARG A 557 -0.95 -16.15 8.55
N THR A 558 -1.92 -16.20 9.46
CA THR A 558 -2.82 -17.35 9.52
C THR A 558 -4.27 -16.89 9.61
N THR A 559 -5.16 -17.83 9.90
CA THR A 559 -6.55 -17.49 10.15
C THR A 559 -6.94 -17.61 11.63
N THR A 560 -5.94 -17.72 12.50
CA THR A 560 -6.17 -18.03 13.92
C THR A 560 -6.15 -16.83 14.87
N GLY A 561 -5.77 -15.66 14.37
CA GLY A 561 -5.58 -14.50 15.22
C GLY A 561 -4.18 -14.41 15.84
N LYS A 562 -3.34 -15.40 15.54
CA LYS A 562 -1.96 -15.38 15.98
C LYS A 562 -1.03 -15.61 14.79
N ILE A 563 0.14 -14.99 14.85
CA ILE A 563 1.19 -15.22 13.86
C ILE A 563 1.78 -16.60 14.11
N ALA A 564 2.09 -17.33 13.04
CA ALA A 564 2.68 -18.65 13.17
C ALA A 564 4.15 -18.63 12.77
N TYR A 565 4.84 -19.72 13.09
CA TYR A 565 6.19 -19.89 12.60
C TYR A 565 6.55 -21.36 12.45
N MET A 566 7.50 -21.62 11.56
CA MET A 566 8.11 -22.93 11.41
C MET A 566 9.61 -22.71 11.23
N THR A 567 10.39 -23.77 11.40
CA THR A 567 11.84 -23.69 11.39
C THR A 567 12.45 -24.76 10.48
N SER A 568 13.45 -24.35 9.70
CA SER A 568 14.27 -25.28 8.92
C SER A 568 15.68 -25.23 9.47
N ARG A 569 16.36 -26.38 9.53
CA ARG A 569 17.73 -26.43 10.02
C ARG A 569 18.68 -26.95 8.97
N ASP A 570 18.16 -27.10 7.75
CA ASP A 570 18.96 -27.59 6.63
C ASP A 570 18.83 -26.66 5.42
N SER A 571 18.89 -25.36 5.68
CA SER A 571 18.81 -24.35 4.61
C SER A 571 17.57 -24.50 3.71
N GLY A 572 16.44 -24.89 4.31
CA GLY A 572 15.18 -24.97 3.58
C GLY A 572 14.80 -26.30 2.95
N GLU A 573 15.59 -27.35 3.18
CA GLU A 573 15.24 -28.66 2.62
C GLU A 573 13.99 -29.22 3.31
N THR A 574 13.98 -29.16 4.64
CA THR A 574 12.85 -29.69 5.40
C THR A 574 12.41 -28.68 6.44
N TRP A 575 11.16 -28.80 6.86
CA TRP A 575 10.54 -27.82 7.73
C TRP A 575 9.84 -28.45 8.93
N SER A 576 9.91 -27.73 10.04
CA SER A 576 9.30 -28.15 11.29
C SER A 576 7.78 -28.05 11.23
N LYS A 577 7.14 -28.51 12.29
CA LYS A 577 5.71 -28.30 12.47
C LYS A 577 5.49 -26.84 12.83
N VAL A 578 4.22 -26.42 12.84
CA VAL A 578 3.88 -25.02 13.06
C VAL A 578 3.64 -24.69 14.53
N SER A 579 4.19 -23.56 14.98
CA SER A 579 3.90 -23.04 16.32
C SER A 579 3.34 -21.66 16.16
N TYR A 580 2.88 -21.09 17.27
CA TYR A 580 2.29 -19.75 17.24
C TYR A 580 2.98 -18.84 18.23
N ILE A 581 2.95 -17.55 17.94
CA ILE A 581 3.51 -16.55 18.83
C ILE A 581 2.45 -16.03 19.80
N ASP A 582 2.78 -16.04 21.08
CA ASP A 582 1.95 -15.36 22.08
C ASP A 582 2.44 -13.93 22.22
N GLY A 583 1.54 -13.05 22.60
CA GLY A 583 1.93 -11.67 22.90
C GLY A 583 1.66 -10.70 21.77
N ILE A 584 1.32 -11.23 20.60
CA ILE A 584 0.87 -10.39 19.49
C ILE A 584 -0.50 -10.89 19.02
N GLN A 585 -1.39 -9.97 18.73
CA GLN A 585 -2.69 -10.34 18.19
C GLN A 585 -2.89 -9.83 16.76
N GLN A 586 -3.48 -10.66 15.92
CA GLN A 586 -3.95 -10.21 14.61
C GLN A 586 -5.45 -10.47 14.57
N THR A 587 -6.07 -10.05 13.48
CA THR A 587 -7.48 -10.31 13.26
C THR A 587 -7.62 -11.74 12.77
N SER A 588 -8.84 -12.25 12.77
CA SER A 588 -9.12 -13.56 12.22
C SER A 588 -8.59 -13.72 10.79
N TYR A 589 -8.69 -12.66 9.98
CA TYR A 589 -8.25 -12.77 8.57
C TYR A 589 -6.75 -12.52 8.44
N GLY A 590 -6.19 -11.78 9.40
CA GLY A 590 -4.75 -11.64 9.52
C GLY A 590 -4.15 -10.58 8.59
N THR A 591 -2.88 -10.29 8.81
CA THR A 591 -2.16 -9.31 7.99
C THR A 591 -0.75 -9.81 7.76
N GLN A 592 -0.19 -9.46 6.60
CA GLN A 592 1.21 -9.69 6.32
C GLN A 592 2.11 -9.25 7.48
N VAL A 593 3.16 -10.03 7.75
CA VAL A 593 4.16 -9.64 8.74
CA VAL A 593 4.16 -9.66 8.75
C VAL A 593 5.54 -9.58 8.11
N SER A 594 6.30 -8.55 8.42
CA SER A 594 7.64 -8.44 7.88
C SER A 594 8.64 -8.71 9.01
N ALA A 595 9.84 -9.18 8.66
CA ALA A 595 10.80 -9.66 9.66
C ALA A 595 12.24 -9.61 9.18
N ILE A 596 13.13 -9.15 10.06
CA ILE A 596 14.55 -9.21 9.77
C ILE A 596 15.37 -9.76 10.93
N LYS A 597 16.55 -10.26 10.59
CA LYS A 597 17.55 -10.63 11.57
C LYS A 597 18.48 -9.43 11.74
N TYR A 598 18.46 -8.81 12.91
CA TYR A 598 19.28 -7.62 13.15
C TYR A 598 20.76 -8.00 13.26
N SER A 599 21.64 -7.18 12.69
CA SER A 599 23.06 -7.56 12.63
C SER A 599 23.77 -7.47 13.99
N GLN A 600 23.24 -6.63 14.87
CA GLN A 600 23.92 -6.34 16.13
C GLN A 600 23.22 -7.02 17.30
N LEU A 601 24.00 -7.37 18.32
CA LEU A 601 23.47 -7.95 19.54
C LEU A 601 22.65 -6.93 20.32
N ILE A 602 21.61 -7.41 20.99
CA ILE A 602 20.80 -6.57 21.85
C ILE A 602 20.64 -7.25 23.21
N ASP A 603 21.02 -6.53 24.27
CA ASP A 603 21.11 -7.14 25.60
C ASP A 603 21.98 -8.39 25.53
N GLY A 604 23.03 -8.34 24.71
CA GLY A 604 23.96 -9.45 24.57
C GLY A 604 23.46 -10.62 23.74
N LYS A 605 22.28 -10.49 23.14
CA LYS A 605 21.68 -11.61 22.42
C LYS A 605 21.44 -11.34 20.94
N GLU A 606 21.30 -12.42 20.16
CA GLU A 606 20.93 -12.31 18.77
C GLU A 606 19.49 -11.85 18.73
N ALA A 607 19.18 -10.97 17.78
CA ALA A 607 17.87 -10.35 17.75
C ALA A 607 17.21 -10.45 16.39
N VAL A 608 15.89 -10.56 16.44
CA VAL A 608 15.00 -10.59 15.29
C VAL A 608 13.96 -9.49 15.52
N ILE A 609 13.59 -8.78 14.46
CA ILE A 609 12.59 -7.73 14.57
C ILE A 609 11.40 -8.03 13.65
N LEU A 610 10.21 -8.09 14.24
CA LEU A 610 8.94 -8.29 13.52
C LEU A 610 8.19 -6.97 13.36
N SER A 611 7.56 -6.78 12.21
CA SER A 611 6.65 -5.65 11.99
C SER A 611 5.25 -6.16 11.65
N THR A 612 4.25 -5.62 12.36
CA THR A 612 2.89 -6.12 12.27
C THR A 612 1.94 -5.22 13.04
N PRO A 613 0.69 -5.12 12.59
CA PRO A 613 -0.36 -4.60 13.48
C PRO A 613 -0.46 -5.48 14.73
N ASN A 614 -0.68 -4.88 15.90
CA ASN A 614 -0.99 -5.66 17.09
C ASN A 614 -2.41 -5.32 17.53
N SER A 615 -3.36 -6.13 17.08
CA SER A 615 -4.77 -5.83 17.27
C SER A 615 -5.65 -7.00 16.80
N ARG A 616 -6.67 -7.35 17.59
CA ARG A 616 -7.61 -8.41 17.19
C ARG A 616 -8.88 -7.84 16.53
N SER A 617 -8.93 -6.51 16.41
CA SER A 617 -10.09 -5.81 15.84
CA SER A 617 -10.09 -5.83 15.83
C SER A 617 -9.90 -5.42 14.37
N GLY A 618 -8.80 -4.74 14.09
CA GLY A 618 -8.53 -4.34 12.71
C GLY A 618 -7.04 -4.19 12.45
N ARG A 619 -6.71 -3.56 11.32
CA ARG A 619 -5.32 -3.34 10.95
C ARG A 619 -4.87 -1.98 11.48
N LYS A 620 -4.48 -1.98 12.75
CA LYS A 620 -4.09 -0.77 13.47
C LYS A 620 -3.19 -1.20 14.63
N GLY A 621 -2.67 -0.24 15.37
CA GLY A 621 -1.75 -0.57 16.45
C GLY A 621 -0.45 -1.17 15.95
N GLY A 622 0.14 -0.54 14.95
CA GLY A 622 1.39 -1.02 14.40
C GLY A 622 2.50 -1.14 15.42
N GLN A 623 3.25 -2.22 15.33
CA GLN A 623 4.40 -2.40 16.21
C GLN A 623 5.62 -2.98 15.50
N LEU A 624 6.78 -2.66 16.04
CA LEU A 624 7.97 -3.43 15.78
C LEU A 624 8.19 -4.20 17.08
N VAL A 625 8.33 -5.52 16.99
CA VAL A 625 8.55 -6.31 18.19
C VAL A 625 9.95 -6.93 18.14
N VAL A 626 10.76 -6.63 19.14
CA VAL A 626 12.13 -7.12 19.16
C VAL A 626 12.20 -8.42 19.97
N GLY A 627 12.74 -9.46 19.35
CA GLY A 627 12.88 -10.73 20.01
C GLY A 627 14.33 -11.12 20.18
N LEU A 628 14.66 -11.66 21.35
CA LEU A 628 15.99 -12.17 21.63
C LEU A 628 15.99 -13.70 21.55
N VAL A 629 16.97 -14.24 20.82
CA VAL A 629 17.06 -15.67 20.58
C VAL A 629 17.74 -16.37 21.75
N ASN A 630 17.19 -17.50 22.16
CA ASN A 630 17.80 -18.34 23.18
C ASN A 630 18.68 -19.37 22.50
N LYS A 631 19.99 -19.24 22.66
CA LYS A 631 20.94 -20.12 21.98
C LYS A 631 20.81 -21.61 22.31
N GLU A 632 20.22 -21.91 23.47
CA GLU A 632 19.99 -23.29 23.87
C GLU A 632 19.07 -24.01 22.90
N ASP A 633 17.95 -23.37 22.56
CA ASP A 633 16.87 -24.05 21.85
C ASP A 633 16.29 -23.26 20.68
N ASP A 634 16.87 -22.10 20.40
CA ASP A 634 16.41 -21.21 19.33
C ASP A 634 15.00 -20.64 19.54
N SER A 635 14.54 -20.66 20.79
CA SER A 635 13.26 -20.05 21.10
C SER A 635 13.50 -18.55 21.14
N ILE A 636 12.43 -17.77 21.02
CA ILE A 636 12.56 -16.32 20.96
C ILE A 636 11.75 -15.64 22.05
N ASP A 637 12.44 -14.87 22.88
CA ASP A 637 11.78 -14.04 23.89
C ASP A 637 11.43 -12.69 23.27
N TRP A 638 10.15 -12.47 23.03
CA TRP A 638 9.69 -11.19 22.50
C TRP A 638 9.68 -10.18 23.64
N LYS A 639 10.72 -9.36 23.68
CA LYS A 639 11.04 -8.56 24.86
C LYS A 639 10.62 -7.10 24.75
N TYR A 640 10.72 -6.51 23.56
CA TYR A 640 10.37 -5.11 23.37
C TYR A 640 9.30 -4.91 22.31
N HIS A 641 8.26 -4.16 22.66
CA HIS A 641 7.23 -3.77 21.71
C HIS A 641 7.33 -2.26 21.48
N TYR A 642 7.59 -1.85 20.24
CA TYR A 642 7.59 -0.44 19.88
C TYR A 642 6.32 -0.07 19.12
N ASP A 643 5.53 0.84 19.69
CA ASP A 643 4.33 1.33 19.03
C ASP A 643 4.69 2.36 17.94
N ILE A 644 4.38 2.03 16.68
CA ILE A 644 4.68 2.91 15.54
C ILE A 644 3.92 4.25 15.63
N ASP A 645 2.63 4.14 15.95
CA ASP A 645 1.77 5.28 16.23
C ASP A 645 0.70 4.76 17.19
N LEU A 646 -0.41 5.49 17.36
CA LEU A 646 -1.46 5.09 18.31
C LEU A 646 -2.04 3.71 18.04
N PRO A 647 -2.49 3.02 19.10
CA PRO A 647 -3.14 1.72 18.92
C PRO A 647 -4.39 1.79 18.03
N SER A 648 -4.98 2.98 17.91
CA SER A 648 -6.20 3.13 17.13
C SER A 648 -5.93 3.60 15.70
N TYR A 649 -4.69 3.94 15.39
CA TYR A 649 -4.32 4.41 14.05
C TYR A 649 -3.89 3.27 13.15
N GLY A 650 -4.22 3.38 11.86
CA GLY A 650 -4.04 2.31 10.91
C GLY A 650 -2.60 1.86 10.69
N TYR A 651 -2.45 0.56 10.54
CA TYR A 651 -1.16 -0.03 10.19
C TYR A 651 -1.45 -1.38 9.56
N ALA A 652 -1.03 -1.56 8.31
CA ALA A 652 -1.33 -2.81 7.62
C ALA A 652 -0.08 -3.53 7.11
N TYR A 653 0.00 -3.78 5.81
CA TYR A 653 1.18 -4.45 5.27
C TYR A 653 2.42 -3.60 5.54
N SER A 654 3.57 -4.25 5.70
CA SER A 654 4.77 -3.50 6.03
C SER A 654 6.04 -4.13 5.47
N ALA A 655 7.09 -3.32 5.46
CA ALA A 655 8.40 -3.74 4.99
C ALA A 655 9.40 -3.15 5.97
N ILE A 656 10.34 -3.98 6.41
CA ILE A 656 11.39 -3.47 7.29
CA ILE A 656 11.37 -3.52 7.33
C ILE A 656 12.75 -3.91 6.80
N THR A 657 13.74 -3.04 6.97
CA THR A 657 15.08 -3.39 6.59
C THR A 657 16.09 -2.73 7.54
N GLU A 658 17.20 -3.43 7.78
CA GLU A 658 18.31 -2.82 8.50
C GLU A 658 19.11 -1.96 7.53
N LEU A 659 19.08 -0.66 7.74
CA LEU A 659 19.83 0.26 6.88
C LEU A 659 21.32 0.06 7.11
N PRO A 660 22.15 0.50 6.15
CA PRO A 660 23.60 0.29 6.28
C PRO A 660 24.23 0.96 7.51
N ASN A 661 23.59 1.97 8.09
CA ASN A 661 24.09 2.61 9.30
C ASN A 661 23.55 1.97 10.57
N HIS A 662 22.84 0.85 10.41
CA HIS A 662 22.20 0.09 11.50
C HIS A 662 20.93 0.71 12.06
N HIS A 663 20.43 1.75 11.41
CA HIS A 663 19.07 2.21 11.67
C HIS A 663 18.12 1.21 11.03
N ILE A 664 16.85 1.33 11.38
CA ILE A 664 15.81 0.50 10.80
C ILE A 664 14.91 1.36 9.90
N GLY A 665 14.75 0.93 8.65
CA GLY A 665 13.81 1.55 7.75
C GLY A 665 12.51 0.77 7.73
N VAL A 666 11.40 1.51 7.73
CA VAL A 666 10.06 0.93 7.72
C VAL A 666 9.17 1.62 6.69
N LEU A 667 8.70 0.87 5.69
CA LEU A 667 7.78 1.38 4.70
C LEU A 667 6.48 0.60 4.86
N PHE A 668 5.38 1.29 5.11
CA PHE A 668 4.16 0.60 5.54
C PHE A 668 2.90 1.29 5.11
N GLU A 669 1.83 0.50 4.97
CA GLU A 669 0.50 1.04 4.73
C GLU A 669 -0.01 1.70 6.00
N LYS A 670 -0.01 3.03 6.05
CA LYS A 670 -0.51 3.69 7.26
C LYS A 670 -2.03 3.89 7.20
N TYR A 671 -2.74 2.79 7.03
CA TYR A 671 -4.20 2.81 7.10
C TYR A 671 -4.69 1.38 7.21
N ASP A 672 -5.99 1.23 7.36
CA ASP A 672 -6.56 -0.11 7.41
C ASP A 672 -6.91 -0.59 5.99
N SER A 673 -6.05 -1.43 5.42
CA SER A 673 -6.25 -1.88 4.03
C SER A 673 -7.22 -3.06 3.90
N TRP A 674 -7.84 -3.45 5.02
CA TRP A 674 -8.93 -4.42 4.98
C TRP A 674 -10.27 -3.68 4.95
N SER A 675 -10.35 -2.61 5.74
CA SER A 675 -11.61 -1.91 5.99
C SER A 675 -12.27 -1.42 4.71
N ARG A 676 -13.58 -1.65 4.62
CA ARG A 676 -14.33 -1.20 3.46
C ARG A 676 -14.58 0.31 3.50
N ASN A 677 -14.20 0.97 4.59
CA ASN A 677 -14.37 2.40 4.70
C ASN A 677 -13.11 3.19 4.33
N GLU A 678 -12.01 2.47 4.15
CA GLU A 678 -10.72 3.14 3.90
C GLU A 678 -10.11 2.75 2.55
N LEU A 679 -10.96 2.39 1.58
CA LEU A 679 -10.50 2.12 0.25
C LEU A 679 -10.08 3.40 -0.48
N HIS A 680 -9.17 3.27 -1.44
CA HIS A 680 -8.82 4.35 -2.36
C HIS A 680 -8.36 5.63 -1.67
N LEU A 681 -7.41 5.50 -0.74
CA LEU A 681 -6.77 6.64 -0.10
C LEU A 681 -5.40 6.86 -0.74
N SER A 682 -5.04 8.13 -0.95
CA SER A 682 -3.76 8.47 -1.54
C SER A 682 -2.70 8.81 -0.50
N ASN A 683 -1.46 8.47 -0.81
CA ASN A 683 -0.31 8.76 0.03
C ASN A 683 -0.39 8.28 1.49
N VAL A 684 -0.80 7.03 1.67
CA VAL A 684 -0.85 6.41 2.99
C VAL A 684 0.27 5.37 3.19
N VAL A 685 0.91 4.95 2.12
CA VAL A 685 2.11 4.12 2.26
C VAL A 685 3.28 5.05 2.55
N GLN A 686 3.80 4.98 3.78
CA GLN A 686 4.77 5.98 4.23
C GLN A 686 6.03 5.33 4.78
N TYR A 687 7.11 6.10 4.81
CA TYR A 687 8.43 5.58 5.24
C TYR A 687 8.93 6.31 6.48
N ILE A 688 9.42 5.55 7.47
CA ILE A 688 10.06 6.16 8.64
C ILE A 688 11.42 5.55 8.95
N ASP A 689 12.26 6.32 9.63
CA ASP A 689 13.59 5.88 10.03
C ASP A 689 13.60 5.76 11.54
N LEU A 690 14.05 4.62 12.05
CA LEU A 690 14.13 4.43 13.49
C LEU A 690 15.51 3.95 13.88
N GLU A 691 15.85 4.18 15.15
CA GLU A 691 17.07 3.66 15.72
C GLU A 691 16.71 2.61 16.73
N ILE A 692 17.63 1.68 16.94
CA ILE A 692 17.38 0.58 17.83
C ILE A 692 17.04 1.06 19.26
N ASN A 693 17.69 2.12 19.72
CA ASN A 693 17.35 2.68 21.04
C ASN A 693 15.92 3.21 21.12
N ASP A 694 15.32 3.57 19.98
CA ASP A 694 13.93 4.00 19.95
C ASP A 694 13.00 2.84 20.26
N LEU A 695 13.34 1.66 19.75
CA LEU A 695 12.50 0.48 19.90
C LEU A 695 12.55 -0.07 21.34
N THR A 696 13.74 -0.13 21.91
CA THR A 696 13.90 -0.55 23.30
C THR A 696 13.56 0.62 24.22
#